data_6SNH
#
_entry.id   6SNH
#
_cell.length_a   1.00
_cell.length_b   1.00
_cell.length_c   1.00
_cell.angle_alpha   90.00
_cell.angle_beta   90.00
_cell.angle_gamma   90.00
#
_symmetry.space_group_name_H-M   'P 1'
#
loop_
_entity.id
_entity.type
_entity.pdbx_description
1 polymer 'Dolichyl pyrophosphate Man9GlcNAc2 alpha-1,3-glucosyltransferase'
2 polymer '6AG9 Fab heavy chain'
3 polymer '6AG9 Fab light chain'
4 non-polymer 'glucosyl-dolichol phosphate'
5 water water
#
loop_
_entity_poly.entity_id
_entity_poly.type
_entity_poly.pdbx_seq_one_letter_code
_entity_poly.pdbx_strand_id
1 'polypeptide(L)'
;GPGGSTGRLAGAGGEFVDMAIGKRLLVNKPAEESFYASPMYDFLYPFRPVGNQWLPEYIIFVCAVILRCTIGLGPYSGKG
SPPLYGDFEAQRHWMEITQHLPLSKWYWYDLQYWGLDYPPLTAFHSYLLGLIGSFFNPSWFALEKSRGFESPDNGLKTYM
RSTVIISDILFYFPAVIYFTKWLGRYRNQSPIGQSIAASAILFQPSLMLIDHGHFQYNSVMLGLTAYAINNLLDEYYAMA
AVCFVLSICFKQMALYYAPIFFAYLLSRSLLFPKFNIARLTVIAFATLATFAIIFAPLYFLGGGLKNIHQCIHRIFPFAR
GIFEDKVANFWCVTNVFVKYKERFTIQQLQLYSLIATVIGFLPAMIMTLLHPKKHLLPYVLIACSMSFFLFSFQVHEKTI
LIPLLPITLLYSSTDWNVLSLVSWINNVALFTLWPLLKKDGLHLQYAVSFLLSNWLIGNFSFITPRFLPKSLTPGPSISS
INSDYRRRSLLPYNVVWKSFIIGTYIAMGFYHFLDQFVAPPSKYPDLWVLLNCAVGFICFSIFWLWSYYKIFTSGSKSMK
DL
;
X
2 'polypeptide(L)'
;EISEVQLVESGGGLVQPGGSLRLSCAASGFNVYSSSIHWVRQAPGKGLEWVASISSYSGYTSYADSVKGRFTISADTSKN
TAYLQMNSLRAEDTAVYYCAREYWSWYSYSYGIDYWGQGTLVTVSSASTKGPSVFPLAPSSKSTSGGTAALGCLVKDYFP
EPVTVSWNSGALTSGVHTFPAVLQSSGLYSLSSVVTVPSSSLGTQTYICNVNHKPSNTKVDKKVEPKSCDKTHT
;
H
3 'polypeptide(L)'
;SDIQMTQSPSSLSASVGDRVTITCRASQSVSSAVAWYQQKPGKAPKLLIYSASSLYSGVPSRFSGSRSGTDFTLTISSLQ
PEDFATYYCQQSYWVGYPITFGQGTKVEIKRTVAAPSVFIFPPSDSQLKSGTASVVCLLNNFYPREAKVQWKVDNALQSG
NSQESVTEQDSKDSTYSLSSTLTLSKADYEKHKVYACEVTHQGLSSPVTKSFNRGEC
;
L
#
loop_
_chem_comp.id
_chem_comp.type
_chem_comp.name
_chem_comp.formula
LMH non-polymer 'glucosyl-dolichol phosphate' 'C31 H55 O9 P'
#
# COMPACT_ATOMS: atom_id res chain seq x y z
N PRO A 56 37.35 12.94 -43.35
CA PRO A 56 38.49 12.04 -43.46
C PRO A 56 38.27 10.72 -42.73
N GLU A 57 37.70 10.81 -41.54
CA GLU A 57 37.45 9.65 -40.69
C GLU A 57 35.98 9.38 -40.44
N TYR A 58 35.07 10.14 -41.05
CA TYR A 58 33.66 10.12 -40.71
C TYR A 58 33.01 8.77 -41.01
N ILE A 59 33.79 7.80 -41.46
CA ILE A 59 33.24 6.49 -41.79
C ILE A 59 32.54 5.88 -40.58
N ILE A 60 33.14 6.05 -39.40
CA ILE A 60 32.48 5.59 -38.18
C ILE A 60 31.14 6.30 -38.02
N PHE A 61 31.13 7.61 -38.26
CA PHE A 61 29.94 8.41 -38.05
C PHE A 61 28.74 7.88 -38.82
N VAL A 62 28.97 7.05 -39.84
CA VAL A 62 27.88 6.49 -40.64
C VAL A 62 27.71 5.00 -40.40
N CYS A 63 28.80 4.25 -40.20
CA CYS A 63 28.60 2.82 -39.97
C CYS A 63 27.97 2.59 -38.62
N ALA A 64 28.26 3.44 -37.64
CA ALA A 64 27.57 3.36 -36.37
C ALA A 64 26.07 3.49 -36.57
N VAL A 65 25.63 4.54 -37.27
CA VAL A 65 24.21 4.76 -37.49
C VAL A 65 23.60 3.60 -38.26
N ILE A 66 24.33 3.06 -39.25
CA ILE A 66 23.83 1.90 -39.98
C ILE A 66 23.60 0.75 -39.01
N LEU A 67 24.55 0.52 -38.11
CA LEU A 67 24.42 -0.56 -37.14
C LEU A 67 23.19 -0.34 -36.26
N ARG A 68 23.04 0.89 -35.76
CA ARG A 68 21.92 1.20 -34.87
C ARG A 68 20.59 0.93 -35.57
N CYS A 69 20.43 1.44 -36.80
CA CYS A 69 19.15 1.27 -37.47
C CYS A 69 18.92 -0.18 -37.86
N THR A 70 20.00 -0.92 -38.15
CA THR A 70 19.85 -2.33 -38.45
C THR A 70 19.35 -3.10 -37.23
N ILE A 71 19.75 -2.67 -36.03
CA ILE A 71 19.20 -3.32 -34.85
C ILE A 71 17.80 -2.81 -34.59
N GLY A 72 17.52 -1.57 -34.96
CA GLY A 72 16.23 -0.98 -34.67
C GLY A 72 15.15 -1.49 -35.59
N LEU A 73 15.20 -2.79 -35.86
CA LEU A 73 14.16 -3.48 -36.59
C LEU A 73 13.51 -4.59 -35.78
N GLY A 74 14.10 -4.93 -34.64
CA GLY A 74 13.61 -6.02 -33.83
C GLY A 74 12.26 -5.75 -33.21
N PRO A 75 11.87 -6.58 -32.25
CA PRO A 75 10.58 -6.40 -31.60
C PRO A 75 10.62 -5.28 -30.56
N TYR A 76 9.65 -4.38 -30.65
CA TYR A 76 9.38 -3.46 -29.56
C TYR A 76 9.02 -4.27 -28.33
N SER A 77 9.28 -3.74 -27.14
CA SER A 77 8.95 -4.48 -25.94
C SER A 77 7.45 -4.77 -25.90
N GLY A 78 7.10 -5.86 -25.22
CA GLY A 78 5.71 -6.20 -25.01
C GLY A 78 4.91 -6.41 -26.27
N LYS A 79 5.53 -6.99 -27.30
CA LYS A 79 4.81 -7.28 -28.52
C LYS A 79 3.77 -8.36 -28.28
N GLY A 80 2.56 -8.12 -28.77
CA GLY A 80 1.47 -9.05 -28.58
C GLY A 80 1.17 -9.29 -27.12
N SER A 81 1.06 -8.23 -26.35
CA SER A 81 0.77 -8.28 -24.93
C SER A 81 -0.58 -7.62 -24.71
N PRO A 82 -1.66 -8.39 -24.75
CA PRO A 82 -3.01 -7.82 -24.88
C PRO A 82 -3.35 -6.82 -23.78
N PRO A 83 -3.33 -7.21 -22.50
CA PRO A 83 -3.99 -6.38 -21.51
C PRO A 83 -3.32 -5.05 -21.27
N LEU A 84 -2.00 -5.08 -21.05
CA LEU A 84 -1.24 -3.91 -20.63
C LEU A 84 0.16 -4.09 -21.21
N TYR A 85 0.40 -3.42 -22.34
CA TYR A 85 1.53 -3.74 -23.19
C TYR A 85 2.86 -3.34 -22.57
N GLY A 86 3.94 -3.48 -23.33
CA GLY A 86 5.26 -3.27 -22.79
C GLY A 86 5.64 -1.82 -22.64
N ASP A 87 6.89 -1.48 -22.97
CA ASP A 87 7.36 -0.11 -22.78
C ASP A 87 7.07 0.75 -23.99
N PHE A 88 7.14 0.16 -25.18
CA PHE A 88 6.80 0.87 -26.40
C PHE A 88 5.43 1.52 -26.26
N GLU A 89 4.47 0.76 -25.77
CA GLU A 89 3.15 1.31 -25.54
C GLU A 89 3.18 2.45 -24.54
N ALA A 90 4.04 2.37 -23.53
CA ALA A 90 4.13 3.46 -22.58
C ALA A 90 4.58 4.74 -23.26
N GLN A 91 5.62 4.65 -24.10
CA GLN A 91 6.09 5.84 -24.78
C GLN A 91 5.02 6.41 -25.69
N ARG A 92 4.38 5.53 -26.47
CA ARG A 92 3.31 5.99 -27.36
C ARG A 92 2.20 6.66 -26.57
N HIS A 93 1.86 6.10 -25.41
CA HIS A 93 0.75 6.62 -24.64
C HIS A 93 1.09 7.96 -24.01
N TRP A 94 2.32 8.13 -23.54
CA TRP A 94 2.66 9.43 -22.99
C TRP A 94 2.66 10.48 -24.08
N MET A 95 3.21 10.15 -25.24
CA MET A 95 3.15 11.08 -26.36
C MET A 95 1.71 11.38 -26.74
N GLU A 96 0.82 10.41 -26.58
CA GLU A 96 -0.58 10.61 -26.89
C GLU A 96 -1.20 11.60 -25.92
N ILE A 97 -1.18 11.27 -24.63
CA ILE A 97 -1.91 12.09 -23.65
C ILE A 97 -1.23 13.41 -23.36
N THR A 98 -0.01 13.62 -23.83
CA THR A 98 0.61 14.91 -23.55
C THR A 98 0.06 16.00 -24.47
N GLN A 99 -0.43 15.63 -25.66
CA GLN A 99 -0.90 16.60 -26.63
C GLN A 99 -2.43 16.71 -26.66
N HIS A 100 -3.11 16.27 -25.62
CA HIS A 100 -4.56 16.42 -25.58
C HIS A 100 -5.09 16.91 -24.25
N LEU A 101 -4.25 17.11 -23.24
CA LEU A 101 -4.72 17.53 -21.93
C LEU A 101 -3.98 18.78 -21.52
N PRO A 102 -4.61 19.63 -20.73
CA PRO A 102 -3.91 20.80 -20.20
C PRO A 102 -2.68 20.41 -19.41
N LEU A 103 -1.82 21.37 -19.11
CA LEU A 103 -0.59 21.04 -18.40
C LEU A 103 -0.89 20.58 -16.98
N SER A 104 -1.96 21.06 -16.38
CA SER A 104 -2.32 20.65 -15.03
C SER A 104 -3.07 19.32 -15.02
N LYS A 105 -3.01 18.55 -16.09
CA LYS A 105 -3.62 17.23 -16.08
C LYS A 105 -2.77 16.19 -16.78
N TRP A 106 -1.46 16.37 -16.84
CA TRP A 106 -0.61 15.31 -17.36
C TRP A 106 -0.31 14.24 -16.33
N TYR A 107 -0.21 14.63 -15.06
CA TYR A 107 0.16 13.71 -14.00
C TYR A 107 -1.05 13.08 -13.32
N TRP A 108 -2.25 13.58 -13.58
CA TRP A 108 -3.43 13.08 -12.90
C TRP A 108 -4.30 12.21 -13.77
N TYR A 109 -4.01 12.10 -15.06
CA TYR A 109 -4.99 11.56 -15.99
C TYR A 109 -5.36 10.11 -15.71
N ASP A 110 -4.41 9.19 -15.90
CA ASP A 110 -4.70 7.78 -15.69
C ASP A 110 -3.48 7.16 -14.99
N LEU A 111 -3.49 7.19 -13.67
CA LEU A 111 -2.34 6.77 -12.92
C LEU A 111 -2.26 5.27 -12.73
N GLN A 112 -3.08 4.51 -13.45
CA GLN A 112 -2.96 3.07 -13.46
C GLN A 112 -2.54 2.53 -14.81
N TYR A 113 -2.40 3.39 -15.81
CA TYR A 113 -2.04 2.98 -17.17
C TYR A 113 -0.89 3.87 -17.62
N TRP A 114 0.33 3.48 -17.24
CA TRP A 114 1.54 4.16 -17.68
C TRP A 114 1.45 5.66 -17.49
N GLY A 115 0.94 6.10 -16.34
CA GLY A 115 0.90 7.51 -16.06
C GLY A 115 2.29 8.09 -16.06
N LEU A 116 2.42 9.37 -16.37
CA LEU A 116 3.75 9.96 -16.51
C LEU A 116 4.58 9.68 -15.26
N ASP A 117 5.85 9.39 -15.47
CA ASP A 117 6.70 8.89 -14.40
C ASP A 117 8.04 9.60 -14.27
N TYR A 118 8.50 10.29 -15.30
CA TYR A 118 9.80 10.91 -15.32
C TYR A 118 9.67 12.40 -15.10
N PRO A 119 10.76 13.09 -14.82
CA PRO A 119 10.70 14.53 -14.62
C PRO A 119 10.24 15.23 -15.89
N PRO A 120 9.95 16.53 -15.81
CA PRO A 120 9.30 17.20 -16.95
C PRO A 120 9.96 16.97 -18.29
N LEU A 121 11.29 17.04 -18.37
CA LEU A 121 11.94 17.03 -19.68
C LEU A 121 11.48 15.86 -20.53
N THR A 122 11.24 14.71 -19.92
CA THR A 122 10.63 13.62 -20.66
C THR A 122 9.28 14.04 -21.21
N ALA A 123 8.49 14.74 -20.39
CA ALA A 123 7.18 15.18 -20.86
C ALA A 123 7.33 16.10 -22.06
N PHE A 124 8.19 17.11 -21.95
CA PHE A 124 8.32 18.08 -23.03
C PHE A 124 8.83 17.43 -24.30
N HIS A 125 9.86 16.59 -24.18
CA HIS A 125 10.40 15.91 -25.35
C HIS A 125 9.36 15.03 -26.01
N SER A 126 8.63 14.25 -25.20
CA SER A 126 7.57 13.43 -25.77
C SER A 126 6.48 14.29 -26.40
N TYR A 127 6.24 15.48 -25.84
CA TYR A 127 5.25 16.37 -26.42
C TYR A 127 5.67 16.83 -27.80
N LEU A 128 6.93 17.22 -27.93
CA LEU A 128 7.45 17.62 -29.23
C LEU A 128 7.31 16.49 -30.24
N LEU A 129 7.80 15.31 -29.88
CA LEU A 129 7.73 14.19 -30.81
C LEU A 129 6.29 13.84 -31.14
N GLY A 130 5.39 14.01 -30.17
CA GLY A 130 3.99 13.76 -30.45
C GLY A 130 3.42 14.74 -31.44
N LEU A 131 3.79 16.02 -31.29
CA LEU A 131 3.39 17.03 -32.27
C LEU A 131 3.80 16.61 -33.66
N ILE A 132 5.06 16.24 -33.81
CA ILE A 132 5.58 15.90 -35.14
C ILE A 132 4.86 14.68 -35.69
N GLY A 133 4.70 13.65 -34.85
CA GLY A 133 4.02 12.45 -35.31
C GLY A 133 2.58 12.71 -35.71
N SER A 134 1.90 13.58 -34.97
CA SER A 134 0.55 13.97 -35.33
C SER A 134 0.55 14.63 -36.70
N PHE A 135 1.49 15.56 -36.92
CA PHE A 135 1.64 16.17 -38.24
C PHE A 135 1.76 15.11 -39.32
N PHE A 136 2.66 14.15 -39.12
CA PHE A 136 2.80 13.07 -40.08
C PHE A 136 1.50 12.28 -40.20
N ASN A 137 0.88 11.97 -39.08
CA ASN A 137 -0.42 11.31 -39.09
C ASN A 137 -1.06 11.45 -37.72
N PRO A 138 -2.27 12.00 -37.64
CA PRO A 138 -2.95 12.09 -36.34
C PRO A 138 -3.73 10.84 -35.98
N SER A 139 -4.09 10.00 -36.95
CA SER A 139 -4.88 8.82 -36.64
C SER A 139 -4.12 7.86 -35.74
N TRP A 140 -2.79 7.96 -35.72
CA TRP A 140 -2.00 7.10 -34.85
C TRP A 140 -2.22 7.43 -33.39
N PHE A 141 -2.32 8.71 -33.06
CA PHE A 141 -2.49 9.16 -31.68
C PHE A 141 -3.95 9.43 -31.35
N ALA A 142 -4.81 8.44 -31.51
CA ALA A 142 -6.23 8.61 -31.20
C ALA A 142 -6.40 8.51 -29.69
N LEU A 143 -6.76 9.62 -29.06
CA LEU A 143 -6.91 9.66 -27.61
C LEU A 143 -7.99 8.69 -27.16
N GLU A 144 -7.59 7.77 -26.28
CA GLU A 144 -8.42 6.72 -25.69
C GLU A 144 -8.85 5.69 -26.71
N LYS A 145 -8.46 5.83 -27.98
CA LYS A 145 -8.80 4.87 -29.01
C LYS A 145 -7.58 4.10 -29.50
N SER A 146 -6.51 4.81 -29.84
CA SER A 146 -5.27 4.14 -30.24
C SER A 146 -4.47 3.73 -29.03
N ARG A 147 -5.13 3.03 -28.11
CA ARG A 147 -4.49 2.49 -26.91
C ARG A 147 -4.25 1.02 -27.18
N GLY A 148 -3.10 0.72 -27.77
CA GLY A 148 -2.82 -0.62 -28.22
C GLY A 148 -2.72 -0.71 -29.73
N PHE A 149 -2.19 0.35 -30.34
CA PHE A 149 -2.04 0.38 -31.78
C PHE A 149 -1.09 -0.71 -32.24
N GLU A 150 -1.54 -1.50 -33.22
CA GLU A 150 -0.72 -2.57 -33.77
C GLU A 150 -0.98 -2.62 -35.28
N SER A 151 -0.16 -1.91 -36.04
CA SER A 151 -0.40 -1.86 -37.48
C SER A 151 0.23 -3.06 -38.17
N PRO A 152 -0.45 -3.62 -39.18
CA PRO A 152 0.17 -4.72 -39.93
C PRO A 152 1.32 -4.27 -40.81
N ASP A 153 1.19 -3.12 -41.47
CA ASP A 153 2.19 -2.60 -42.40
C ASP A 153 3.39 -1.97 -41.70
N ASN A 154 3.54 -2.19 -40.39
CA ASN A 154 4.64 -1.61 -39.61
C ASN A 154 4.66 -0.09 -39.70
N GLY A 155 3.48 0.53 -39.77
CA GLY A 155 3.42 1.95 -39.59
C GLY A 155 3.82 2.34 -38.18
N LEU A 156 4.38 3.54 -38.06
CA LEU A 156 4.64 4.18 -36.77
C LEU A 156 5.81 3.52 -36.03
N LYS A 157 6.25 2.37 -36.49
CA LYS A 157 7.38 1.71 -35.83
C LYS A 157 8.68 2.31 -36.33
N THR A 158 8.84 2.35 -37.65
CA THR A 158 9.96 3.07 -38.25
C THR A 158 10.01 4.51 -37.77
N TYR A 159 8.86 5.11 -37.51
CA TYR A 159 8.84 6.47 -37.01
C TYR A 159 9.52 6.55 -35.65
N MET A 160 9.04 5.75 -34.70
CA MET A 160 9.61 5.76 -33.36
C MET A 160 11.10 5.46 -33.40
N ARG A 161 11.50 4.49 -34.22
CA ARG A 161 12.91 4.16 -34.31
C ARG A 161 13.71 5.36 -34.83
N SER A 162 13.16 6.08 -35.80
CA SER A 162 13.83 7.28 -36.29
C SER A 162 13.96 8.31 -35.19
N THR A 163 12.94 8.43 -34.35
CA THR A 163 13.01 9.35 -33.23
C THR A 163 14.17 9.00 -32.31
N VAL A 164 14.27 7.72 -31.94
CA VAL A 164 15.36 7.28 -31.07
C VAL A 164 16.71 7.59 -31.70
N ILE A 165 16.85 7.27 -32.99
CA ILE A 165 18.11 7.49 -33.68
C ILE A 165 18.49 8.96 -33.66
N ILE A 166 17.52 9.84 -33.94
CA ILE A 166 17.81 11.26 -34.01
C ILE A 166 18.19 11.79 -32.64
N SER A 167 17.51 11.33 -31.59
CA SER A 167 17.86 11.76 -30.24
C SER A 167 19.28 11.33 -29.90
N ASP A 168 19.63 10.09 -30.22
CA ASP A 168 21.00 9.62 -30.07
C ASP A 168 21.97 10.56 -30.76
N ILE A 169 21.79 10.74 -32.07
CA ILE A 169 22.71 11.53 -32.88
C ILE A 169 22.87 12.92 -32.30
N LEU A 170 21.78 13.51 -31.84
CA LEU A 170 21.86 14.88 -31.34
C LEU A 170 22.58 14.96 -30.01
N PHE A 171 22.29 14.05 -29.08
CA PHE A 171 22.75 14.23 -27.72
C PHE A 171 23.78 13.24 -27.23
N TYR A 172 24.04 12.15 -27.95
CA TYR A 172 25.03 11.18 -27.50
C TYR A 172 26.31 11.20 -28.31
N PHE A 173 26.22 11.10 -29.63
CA PHE A 173 27.40 11.02 -30.49
C PHE A 173 28.39 12.15 -30.25
N PRO A 174 27.99 13.41 -30.47
CA PRO A 174 28.98 14.48 -30.46
C PRO A 174 29.70 14.60 -29.14
N ALA A 175 29.02 14.31 -28.03
CA ALA A 175 29.64 14.43 -26.72
C ALA A 175 30.85 13.53 -26.61
N VAL A 176 30.64 12.22 -26.72
CA VAL A 176 31.74 11.28 -26.57
C VAL A 176 32.80 11.52 -27.64
N ILE A 177 32.39 11.88 -28.85
CA ILE A 177 33.35 12.11 -29.92
C ILE A 177 34.28 13.26 -29.54
N TYR A 178 33.71 14.40 -29.18
CA TYR A 178 34.52 15.55 -28.81
C TYR A 178 35.37 15.25 -27.59
N PHE A 179 34.86 14.43 -26.67
CA PHE A 179 35.63 14.12 -25.48
C PHE A 179 36.88 13.32 -25.82
N THR A 180 36.73 12.29 -26.66
CA THR A 180 37.89 11.56 -27.12
C THR A 180 38.84 12.46 -27.88
N LYS A 181 38.30 13.35 -28.71
CA LYS A 181 39.13 14.33 -29.40
C LYS A 181 39.97 15.11 -28.39
N TRP A 182 39.34 15.55 -27.31
CA TRP A 182 40.03 16.35 -26.31
C TRP A 182 41.16 15.55 -25.68
N LEU A 183 40.87 14.33 -25.24
CA LEU A 183 41.90 13.54 -24.58
C LEU A 183 43.07 13.27 -25.52
N GLY A 184 42.77 12.83 -26.73
CA GLY A 184 43.82 12.57 -27.71
C GLY A 184 44.67 13.80 -27.95
N ARG A 185 44.01 14.92 -28.24
CA ARG A 185 44.70 16.20 -28.42
C ARG A 185 45.65 16.49 -27.29
N TYR A 186 45.18 16.33 -26.05
CA TYR A 186 46.05 16.61 -24.92
C TYR A 186 47.22 15.64 -24.85
N ARG A 187 47.00 14.38 -25.18
CA ARG A 187 48.04 13.38 -25.06
C ARG A 187 48.77 13.13 -26.37
N ASN A 188 48.39 13.82 -27.44
CA ASN A 188 49.14 13.86 -28.70
C ASN A 188 49.40 12.44 -29.23
N GLN A 189 48.31 11.78 -29.56
CA GLN A 189 48.34 10.41 -30.06
C GLN A 189 48.02 10.38 -31.54
N SER A 190 48.29 9.24 -32.16
CA SER A 190 47.98 9.05 -33.56
C SER A 190 46.49 9.23 -33.81
N PRO A 191 46.10 9.92 -34.88
CA PRO A 191 44.67 10.03 -35.19
C PRO A 191 43.99 8.68 -35.36
N ILE A 192 44.70 7.68 -35.89
CA ILE A 192 44.12 6.35 -36.03
C ILE A 192 43.74 5.81 -34.66
N GLY A 193 44.59 6.01 -33.68
CA GLY A 193 44.29 5.60 -32.33
C GLY A 193 43.01 6.22 -31.82
N GLN A 194 42.82 7.52 -32.05
CA GLN A 194 41.63 8.18 -31.56
C GLN A 194 40.38 7.71 -32.30
N SER A 195 40.51 7.48 -33.60
CA SER A 195 39.39 6.92 -34.35
C SER A 195 38.97 5.58 -33.76
N ILE A 196 39.93 4.74 -33.43
CA ILE A 196 39.60 3.44 -32.84
C ILE A 196 38.98 3.64 -31.47
N ALA A 197 39.51 4.59 -30.70
CA ALA A 197 39.00 4.83 -29.37
C ALA A 197 37.58 5.39 -29.38
N ALA A 198 37.14 5.95 -30.49
CA ALA A 198 35.74 6.35 -30.58
C ALA A 198 34.85 5.24 -31.13
N SER A 199 35.38 4.45 -32.08
CA SER A 199 34.57 3.41 -32.70
C SER A 199 34.33 2.23 -31.77
N ALA A 200 35.25 1.96 -30.85
CA ALA A 200 34.96 0.99 -29.81
C ALA A 200 33.77 1.44 -28.97
N ILE A 201 33.81 2.69 -28.49
CA ILE A 201 32.75 3.23 -27.63
C ILE A 201 31.41 3.10 -28.32
N LEU A 202 31.26 3.77 -29.46
CA LEU A 202 29.95 3.89 -30.08
C LEU A 202 29.29 2.56 -30.36
N PHE A 203 30.05 1.46 -30.30
CA PHE A 203 29.49 0.14 -30.52
C PHE A 203 29.29 -0.62 -29.22
N GLN A 204 29.22 0.10 -28.10
CA GLN A 204 28.88 -0.51 -26.82
C GLN A 204 27.58 -1.28 -26.99
N PRO A 205 27.63 -2.60 -26.87
CA PRO A 205 26.47 -3.41 -27.26
C PRO A 205 25.26 -3.20 -26.38
N SER A 206 25.47 -3.14 -25.07
CA SER A 206 24.37 -3.08 -24.13
C SER A 206 23.44 -1.91 -24.44
N LEU A 207 24.01 -0.72 -24.49
CA LEU A 207 23.21 0.48 -24.69
C LEU A 207 22.53 0.45 -26.05
N MET A 208 23.27 0.08 -27.09
CA MET A 208 22.69 -0.01 -28.41
C MET A 208 21.50 -0.96 -28.44
N LEU A 209 21.56 -2.05 -27.68
CA LEU A 209 20.46 -2.99 -27.67
C LEU A 209 19.28 -2.44 -26.88
N ILE A 210 19.55 -1.79 -25.75
CA ILE A 210 18.45 -1.41 -24.87
C ILE A 210 17.72 -0.20 -25.42
N ASP A 211 18.42 0.67 -26.14
CA ASP A 211 17.73 1.79 -26.76
C ASP A 211 16.86 1.30 -27.91
N HIS A 212 17.45 0.54 -28.82
CA HIS A 212 16.78 0.12 -30.04
C HIS A 212 16.18 -1.26 -29.81
N GLY A 213 14.90 -1.40 -30.07
CA GLY A 213 14.24 -2.66 -29.77
C GLY A 213 13.51 -2.62 -28.45
N HIS A 214 14.23 -2.43 -27.35
CA HIS A 214 13.56 -2.29 -26.07
C HIS A 214 13.03 -0.89 -25.84
N PHE A 215 13.50 0.09 -26.60
CA PHE A 215 12.88 1.41 -26.69
C PHE A 215 12.85 2.15 -25.35
N GLN A 216 14.02 2.58 -24.94
CA GLN A 216 14.11 3.63 -23.94
C GLN A 216 15.07 4.70 -24.43
N TYR A 217 14.89 5.93 -23.95
CA TYR A 217 15.77 7.02 -24.35
C TYR A 217 16.88 7.23 -23.32
N ASN A 218 17.62 6.19 -22.96
CA ASN A 218 18.73 6.38 -22.03
C ASN A 218 19.80 7.27 -22.65
N SER A 219 19.94 7.18 -23.97
CA SER A 219 20.99 7.90 -24.68
C SER A 219 21.00 9.39 -24.34
N VAL A 220 19.83 9.99 -24.21
CA VAL A 220 19.76 11.43 -24.03
C VAL A 220 20.43 11.82 -22.72
N MET A 221 19.98 11.24 -21.62
CA MET A 221 20.55 11.57 -20.32
C MET A 221 22.03 11.21 -20.26
N LEU A 222 22.40 10.09 -20.87
CA LEU A 222 23.81 9.71 -20.90
C LEU A 222 24.64 10.80 -21.56
N GLY A 223 24.28 11.17 -22.78
CA GLY A 223 25.02 12.20 -23.47
C GLY A 223 25.02 13.53 -22.73
N LEU A 224 23.95 13.83 -22.01
CA LEU A 224 23.92 15.09 -21.29
C LEU A 224 24.95 15.09 -20.17
N THR A 225 25.05 13.98 -19.44
CA THR A 225 26.11 13.90 -18.44
C THR A 225 27.49 13.87 -19.09
N ALA A 226 27.60 13.34 -20.31
CA ALA A 226 28.86 13.40 -21.03
C ALA A 226 29.25 14.86 -21.30
N TYR A 227 28.29 15.66 -21.76
CA TYR A 227 28.53 17.09 -21.93
C TYR A 227 28.94 17.73 -20.62
N ALA A 228 28.32 17.30 -19.52
CA ALA A 228 28.70 17.81 -18.21
C ALA A 228 30.17 17.54 -17.94
N ILE A 229 30.62 16.31 -18.17
CA ILE A 229 32.02 15.96 -17.93
C ILE A 229 32.93 16.81 -18.80
N ASN A 230 32.58 16.93 -20.09
CA ASN A 230 33.39 17.74 -21.00
C ASN A 230 33.56 19.15 -20.44
N ASN A 231 32.44 19.82 -20.16
CA ASN A 231 32.50 21.17 -19.62
C ASN A 231 33.32 21.21 -18.35
N LEU A 232 33.33 20.11 -17.60
CA LEU A 232 34.19 20.05 -16.43
C LEU A 232 35.66 20.09 -16.84
N LEU A 233 36.01 19.34 -17.87
CA LEU A 233 37.40 19.30 -18.30
C LEU A 233 37.89 20.69 -18.70
N ASP A 234 37.14 21.37 -19.55
CA ASP A 234 37.54 22.67 -20.03
C ASP A 234 37.19 23.80 -19.08
N GLU A 235 36.93 23.47 -17.81
CA GLU A 235 36.76 24.41 -16.71
C GLU A 235 35.52 25.29 -16.86
N TYR A 236 34.71 25.10 -17.90
CA TYR A 236 33.47 25.87 -18.00
C TYR A 236 32.49 25.34 -16.97
N TYR A 237 32.76 25.61 -15.70
CA TYR A 237 32.01 24.98 -14.61
C TYR A 237 30.54 25.41 -14.63
N ALA A 238 30.30 26.72 -14.83
CA ALA A 238 28.94 27.21 -14.84
C ALA A 238 28.10 26.56 -15.91
N MET A 239 28.72 26.10 -16.99
CA MET A 239 27.97 25.33 -17.97
C MET A 239 27.91 23.85 -17.62
N ALA A 240 28.92 23.33 -16.93
CA ALA A 240 28.89 21.93 -16.52
C ALA A 240 27.73 21.67 -15.58
N ALA A 241 27.55 22.55 -14.60
CA ALA A 241 26.42 22.38 -13.67
C ALA A 241 25.10 22.36 -14.43
N VAL A 242 24.97 23.20 -15.45
CA VAL A 242 23.70 23.26 -16.18
C VAL A 242 23.49 22.02 -17.02
N CYS A 243 24.54 21.52 -17.68
CA CYS A 243 24.39 20.23 -18.37
C CYS A 243 23.98 19.14 -17.40
N PHE A 244 24.52 19.16 -16.19
CA PHE A 244 24.10 18.18 -15.20
C PHE A 244 22.61 18.30 -14.90
N VAL A 245 22.20 19.46 -14.40
CA VAL A 245 20.82 19.66 -13.98
C VAL A 245 19.88 19.36 -15.14
N LEU A 246 20.34 19.54 -16.36
CA LEU A 246 19.57 19.07 -17.49
C LEU A 246 19.48 17.56 -17.50
N SER A 247 20.60 16.88 -17.22
CA SER A 247 20.58 15.42 -17.29
C SER A 247 19.71 14.81 -16.23
N ILE A 248 19.65 15.42 -15.04
CA ILE A 248 18.74 14.93 -14.01
C ILE A 248 17.30 14.99 -14.50
N CYS A 249 16.87 16.18 -14.89
CA CYS A 249 15.46 16.41 -15.22
C CYS A 249 14.98 15.57 -16.40
N PHE A 250 15.86 14.85 -17.09
CA PHE A 250 15.36 13.92 -18.07
C PHE A 250 15.07 12.56 -17.49
N LYS A 251 15.89 12.07 -16.56
CA LYS A 251 15.60 10.84 -15.86
C LYS A 251 16.20 10.97 -14.48
N GLN A 252 15.37 10.89 -13.45
CA GLN A 252 15.83 11.04 -12.09
C GLN A 252 16.91 10.02 -11.77
N MET A 253 16.97 8.95 -12.55
CA MET A 253 17.97 7.91 -12.33
C MET A 253 19.38 8.43 -12.41
N ALA A 254 19.61 9.59 -13.01
CA ALA A 254 20.97 10.10 -13.12
C ALA A 254 21.37 10.93 -11.91
N LEU A 255 20.68 10.76 -10.79
CA LEU A 255 21.12 11.36 -9.54
C LEU A 255 22.35 10.70 -8.97
N TYR A 256 22.75 9.56 -9.54
CA TYR A 256 23.85 8.78 -9.03
C TYR A 256 25.17 9.54 -9.06
N TYR A 257 25.31 10.52 -9.93
CA TYR A 257 26.57 11.24 -10.02
C TYR A 257 26.55 12.52 -9.21
N ALA A 258 25.41 12.90 -8.65
CA ALA A 258 25.34 14.10 -7.82
C ALA A 258 26.35 14.06 -6.68
N PRO A 259 26.51 12.94 -5.96
CA PRO A 259 27.54 12.91 -4.90
C PRO A 259 28.94 13.16 -5.41
N ILE A 260 29.17 13.08 -6.71
CA ILE A 260 30.45 13.50 -7.26
C ILE A 260 30.39 14.99 -7.56
N PHE A 261 29.53 15.39 -8.49
CA PHE A 261 29.58 16.76 -8.97
C PHE A 261 29.47 17.74 -7.83
N PHE A 262 28.66 17.43 -6.84
CA PHE A 262 28.59 18.24 -5.63
C PHE A 262 29.99 18.53 -5.09
N ALA A 263 30.70 17.47 -4.68
CA ALA A 263 32.00 17.65 -4.04
C ALA A 263 33.03 18.20 -5.00
N TYR A 264 32.96 17.80 -6.27
CA TYR A 264 33.97 18.22 -7.22
C TYR A 264 33.88 19.71 -7.49
N LEU A 265 32.69 20.19 -7.85
CA LEU A 265 32.51 21.63 -8.03
C LEU A 265 32.83 22.38 -6.75
N LEU A 266 32.36 21.87 -5.61
CA LEU A 266 32.66 22.50 -4.34
C LEU A 266 34.16 22.73 -4.18
N SER A 267 34.93 21.65 -4.24
CA SER A 267 36.38 21.75 -4.05
C SER A 267 37.01 22.67 -5.08
N ARG A 268 36.73 22.42 -6.36
CA ARG A 268 37.38 23.18 -7.42
C ARG A 268 37.12 24.66 -7.27
N SER A 269 35.86 25.06 -7.36
CA SER A 269 35.54 26.48 -7.28
C SER A 269 35.90 27.05 -5.92
N LEU A 270 35.28 26.52 -4.87
CA LEU A 270 35.41 27.12 -3.55
C LEU A 270 36.81 26.94 -2.99
N LEU A 271 37.43 25.82 -3.24
CA LEU A 271 38.50 25.51 -2.30
C LEU A 271 39.83 25.18 -2.94
N PHE A 272 39.84 24.56 -4.12
CA PHE A 272 41.06 23.90 -4.57
C PHE A 272 42.22 24.88 -4.80
N PRO A 273 42.14 25.82 -5.74
CA PRO A 273 43.29 26.73 -5.91
C PRO A 273 43.39 27.70 -4.74
N LYS A 274 42.28 28.37 -4.44
CA LYS A 274 42.20 29.31 -3.34
C LYS A 274 40.83 29.18 -2.70
N PHE A 275 40.52 30.09 -1.78
CA PHE A 275 39.17 30.19 -1.24
C PHE A 275 38.31 31.11 -2.09
N ASN A 276 38.28 30.85 -3.40
CA ASN A 276 37.47 31.63 -4.31
C ASN A 276 36.01 31.58 -3.90
N ILE A 277 35.29 32.66 -4.19
CA ILE A 277 33.90 32.82 -3.80
C ILE A 277 33.00 33.08 -4.99
N ALA A 278 33.45 33.93 -5.91
CA ALA A 278 32.63 34.35 -7.05
C ALA A 278 31.95 33.18 -7.75
N ARG A 279 32.74 32.19 -8.14
CA ARG A 279 32.19 31.07 -8.89
C ARG A 279 31.13 30.33 -8.10
N LEU A 280 31.15 30.44 -6.77
CA LEU A 280 30.14 29.77 -5.97
C LEU A 280 28.77 30.36 -6.24
N THR A 281 28.66 31.69 -6.13
CA THR A 281 27.40 32.32 -6.46
C THR A 281 27.10 32.15 -7.94
N VAL A 282 28.11 32.08 -8.79
CA VAL A 282 27.87 31.78 -10.21
C VAL A 282 27.09 30.49 -10.36
N ILE A 283 27.61 29.40 -9.80
CA ILE A 283 27.01 28.10 -10.02
C ILE A 283 25.67 28.00 -9.27
N ALA A 284 25.57 28.63 -8.10
CA ALA A 284 24.29 28.65 -7.41
C ALA A 284 23.24 29.37 -8.24
N PHE A 285 23.64 30.47 -8.87
CA PHE A 285 22.78 31.15 -9.84
C PHE A 285 22.32 30.19 -10.93
N ALA A 286 23.29 29.52 -11.57
CA ALA A 286 22.98 28.74 -12.76
C ALA A 286 22.07 27.56 -12.46
N THR A 287 22.40 26.76 -11.45
CA THR A 287 21.63 25.55 -11.18
C THR A 287 20.20 25.88 -10.76
N LEU A 288 20.06 26.79 -9.79
CA LEU A 288 18.73 27.19 -9.36
C LEU A 288 17.94 27.78 -10.53
N ALA A 289 18.62 28.53 -11.41
CA ALA A 289 17.97 29.05 -12.59
C ALA A 289 17.44 27.91 -13.46
N THR A 290 18.25 26.88 -13.65
CA THR A 290 17.82 25.74 -14.44
C THR A 290 16.57 25.10 -13.85
N PHE A 291 16.59 24.85 -12.54
CA PHE A 291 15.44 24.22 -11.91
C PHE A 291 14.19 25.08 -12.07
N ALA A 292 14.33 26.38 -11.86
CA ALA A 292 13.19 27.27 -11.98
C ALA A 292 12.64 27.28 -13.41
N ILE A 293 13.53 27.40 -14.39
CA ILE A 293 13.06 27.53 -15.77
C ILE A 293 12.54 26.21 -16.29
N ILE A 294 12.87 25.10 -15.64
CA ILE A 294 12.33 23.81 -16.08
C ILE A 294 11.06 23.42 -15.33
N PHE A 295 10.83 23.99 -14.15
CA PHE A 295 9.61 23.66 -13.41
C PHE A 295 8.52 24.71 -13.51
N ALA A 296 8.84 25.92 -13.95
CA ALA A 296 7.85 27.00 -14.01
C ALA A 296 6.59 26.64 -14.78
N PRO A 297 6.66 26.02 -15.97
CA PRO A 297 5.41 25.69 -16.67
C PRO A 297 4.46 24.86 -15.85
N LEU A 298 4.96 24.12 -14.87
CA LEU A 298 4.09 23.33 -14.01
C LEU A 298 3.38 24.21 -13.01
N TYR A 299 4.15 24.90 -12.17
CA TYR A 299 3.55 25.72 -11.12
C TYR A 299 2.66 26.80 -11.73
N PHE A 300 3.23 27.65 -12.58
CA PHE A 300 2.46 28.76 -13.14
C PHE A 300 1.30 28.29 -14.01
N LEU A 301 1.61 27.63 -15.12
CA LEU A 301 0.55 27.31 -16.07
C LEU A 301 -0.32 26.16 -15.62
N GLY A 302 -0.10 25.63 -14.42
CA GLY A 302 -0.85 24.50 -13.92
C GLY A 302 -1.39 24.75 -12.53
N GLY A 303 -1.89 23.68 -11.92
CA GLY A 303 -2.55 23.75 -10.64
C GLY A 303 -1.77 24.41 -9.53
N GLY A 304 -0.51 24.71 -9.79
CA GLY A 304 0.31 25.30 -8.77
C GLY A 304 0.90 24.25 -7.86
N LEU A 305 1.29 24.70 -6.67
CA LEU A 305 2.04 23.88 -5.73
C LEU A 305 1.48 22.48 -5.58
N LYS A 306 0.17 22.33 -5.74
CA LYS A 306 -0.41 20.99 -5.79
C LYS A 306 0.26 20.16 -6.87
N ASN A 307 0.43 20.74 -8.06
CA ASN A 307 1.02 19.98 -9.14
C ASN A 307 2.51 19.75 -8.93
N ILE A 308 3.21 20.69 -8.27
CA ILE A 308 4.61 20.44 -7.94
C ILE A 308 4.74 19.27 -6.99
N HIS A 309 3.91 19.24 -5.95
CA HIS A 309 3.98 18.14 -5.00
C HIS A 309 3.63 16.82 -5.65
N GLN A 310 2.60 16.83 -6.50
CA GLN A 310 2.24 15.59 -7.19
C GLN A 310 3.37 15.12 -8.08
N CYS A 311 4.00 16.05 -8.80
CA CYS A 311 5.13 15.67 -9.65
C CYS A 311 6.24 15.05 -8.84
N ILE A 312 6.62 15.69 -7.72
CA ILE A 312 7.72 15.17 -6.92
C ILE A 312 7.39 13.76 -6.42
N HIS A 313 6.26 13.61 -5.74
CA HIS A 313 5.92 12.29 -5.22
C HIS A 313 5.60 11.30 -6.33
N ARG A 314 5.46 11.75 -7.57
CA ARG A 314 5.31 10.82 -8.69
C ARG A 314 6.62 10.46 -9.34
N ILE A 315 7.68 11.22 -9.07
CA ILE A 315 9.01 10.82 -9.51
C ILE A 315 9.60 9.76 -8.58
N PHE A 316 9.44 9.94 -7.26
CA PHE A 316 10.00 9.04 -6.26
C PHE A 316 8.89 8.31 -5.53
N PRO A 317 8.23 7.35 -6.15
CA PRO A 317 7.10 6.70 -5.49
C PRO A 317 7.57 5.92 -4.27
N PHE A 318 6.64 5.68 -3.36
CA PHE A 318 6.96 4.93 -2.16
C PHE A 318 7.34 3.51 -2.53
N ALA A 319 8.14 2.88 -1.67
CA ALA A 319 8.57 1.53 -1.94
C ALA A 319 7.42 0.55 -1.78
N ARG A 320 7.47 -0.52 -2.55
CA ARG A 320 6.44 -1.55 -2.50
C ARG A 320 7.13 -2.89 -2.58
N GLY A 321 6.57 -3.87 -1.90
CA GLY A 321 7.12 -5.21 -1.93
C GLY A 321 8.51 -5.31 -1.36
N ILE A 322 9.04 -6.52 -1.27
CA ILE A 322 10.43 -6.70 -0.86
C ILE A 322 11.12 -7.67 -1.80
N PHE A 323 12.04 -7.16 -2.61
CA PHE A 323 12.94 -7.99 -3.41
C PHE A 323 12.17 -8.83 -4.41
N GLU A 324 11.21 -8.23 -5.09
CA GLU A 324 10.39 -8.98 -6.03
C GLU A 324 11.02 -9.11 -7.41
N ASP A 325 12.16 -8.45 -7.64
CA ASP A 325 12.79 -8.49 -8.97
C ASP A 325 14.20 -9.09 -8.87
N LYS A 326 14.57 -9.92 -9.85
CA LYS A 326 15.88 -10.54 -9.86
C LYS A 326 16.88 -9.68 -10.63
N VAL A 327 17.76 -9.01 -9.88
CA VAL A 327 18.80 -8.12 -10.48
C VAL A 327 20.14 -8.47 -9.81
N ALA A 328 21.26 -8.16 -10.47
CA ALA A 328 22.55 -8.48 -9.88
C ALA A 328 22.87 -7.50 -8.76
N ASN A 329 21.93 -7.31 -7.85
CA ASN A 329 22.09 -6.39 -6.73
C ASN A 329 22.87 -7.10 -5.64
N PHE A 330 22.94 -6.50 -4.45
CA PHE A 330 23.49 -7.24 -3.33
C PHE A 330 22.44 -8.05 -2.60
N TRP A 331 21.21 -7.56 -2.52
CA TRP A 331 20.21 -8.30 -1.78
C TRP A 331 19.65 -9.46 -2.59
N CYS A 332 19.35 -9.24 -3.89
CA CYS A 332 18.88 -10.33 -4.73
C CYS A 332 19.74 -11.57 -4.62
N VAL A 333 21.02 -11.42 -4.30
CA VAL A 333 21.88 -12.58 -4.12
C VAL A 333 21.70 -13.13 -2.72
N THR A 334 21.99 -12.31 -1.70
CA THR A 334 21.97 -12.82 -0.34
C THR A 334 20.56 -13.03 0.19
N ASN A 335 19.54 -12.61 -0.56
CA ASN A 335 18.19 -12.91 -0.12
C ASN A 335 17.91 -14.40 -0.15
N VAL A 336 18.53 -15.12 -1.08
CA VAL A 336 18.21 -16.53 -1.23
C VAL A 336 18.79 -17.39 -0.11
N PHE A 337 19.80 -16.90 0.60
CA PHE A 337 20.29 -17.62 1.78
C PHE A 337 19.58 -17.14 3.03
N VAL A 338 19.70 -15.86 3.34
CA VAL A 338 19.27 -15.34 4.63
C VAL A 338 17.76 -15.12 4.70
N LYS A 339 17.10 -14.94 3.56
CA LYS A 339 15.65 -14.78 3.51
C LYS A 339 15.20 -13.60 4.38
N TYR A 340 15.60 -12.41 3.93
CA TYR A 340 15.31 -11.19 4.67
C TYR A 340 13.84 -11.03 4.99
N LYS A 341 12.97 -11.54 4.12
CA LYS A 341 11.53 -11.32 4.23
C LYS A 341 11.01 -11.53 5.64
N GLU A 342 11.58 -12.49 6.36
CA GLU A 342 11.15 -12.85 7.70
C GLU A 342 12.02 -12.24 8.78
N ARG A 343 13.31 -12.04 8.50
CA ARG A 343 14.23 -11.57 9.52
C ARG A 343 13.79 -10.23 10.08
N PHE A 344 13.41 -9.28 9.22
CA PHE A 344 13.17 -7.92 9.67
C PHE A 344 11.94 -7.37 8.98
N THR A 345 11.59 -6.15 9.37
CA THR A 345 10.48 -5.40 8.78
C THR A 345 10.92 -4.75 7.49
N ILE A 346 10.13 -3.80 6.99
CA ILE A 346 10.47 -3.10 5.78
C ILE A 346 11.26 -1.83 6.07
N GLN A 347 10.93 -1.11 7.14
CA GLN A 347 11.64 0.13 7.44
C GLN A 347 13.09 -0.16 7.81
N GLN A 348 13.33 -1.27 8.50
CA GLN A 348 14.71 -1.65 8.79
C GLN A 348 15.49 -1.85 7.50
N LEU A 349 14.87 -2.46 6.49
CA LEU A 349 15.60 -2.68 5.25
C LEU A 349 15.80 -1.38 4.50
N GLN A 350 14.81 -0.50 4.52
CA GLN A 350 14.99 0.77 3.84
C GLN A 350 16.01 1.66 4.54
N LEU A 351 16.25 1.43 5.83
CA LEU A 351 17.31 2.16 6.50
C LEU A 351 18.67 1.52 6.29
N TYR A 352 18.73 0.19 6.31
CA TYR A 352 19.99 -0.48 6.08
C TYR A 352 20.50 -0.23 4.67
N SER A 353 19.60 -0.23 3.68
CA SER A 353 20.03 0.04 2.32
C SER A 353 20.58 1.44 2.19
N LEU A 354 19.94 2.42 2.83
CA LEU A 354 20.43 3.79 2.79
C LEU A 354 21.81 3.89 3.42
N ILE A 355 21.97 3.30 4.60
CA ILE A 355 23.28 3.31 5.26
C ILE A 355 24.32 2.63 4.38
N ALA A 356 23.94 1.55 3.71
CA ALA A 356 24.89 0.85 2.85
C ALA A 356 25.34 1.73 1.69
N THR A 357 24.39 2.37 1.01
CA THR A 357 24.77 3.21 -0.12
C THR A 357 25.64 4.38 0.33
N VAL A 358 25.33 4.97 1.49
CA VAL A 358 26.13 6.09 1.97
C VAL A 358 27.54 5.62 2.31
N ILE A 359 27.66 4.53 3.05
CA ILE A 359 28.97 3.97 3.36
C ILE A 359 29.73 3.65 2.08
N GLY A 360 29.02 3.22 1.05
CA GLY A 360 29.65 2.96 -0.22
C GLY A 360 30.24 4.21 -0.85
N PHE A 361 29.40 5.17 -1.20
CA PHE A 361 29.93 6.30 -1.97
C PHE A 361 30.57 7.36 -1.11
N LEU A 362 30.71 7.15 0.21
CA LEU A 362 31.34 8.19 1.02
C LEU A 362 32.83 8.32 0.73
N PRO A 363 33.65 7.26 0.78
CA PRO A 363 35.10 7.45 0.57
C PRO A 363 35.43 8.12 -0.74
N ALA A 364 34.71 7.79 -1.81
CA ALA A 364 34.95 8.46 -3.08
C ALA A 364 34.67 9.94 -2.98
N MET A 365 33.60 10.32 -2.30
CA MET A 365 33.30 11.75 -2.13
C MET A 365 34.39 12.44 -1.34
N ILE A 366 34.88 11.81 -0.28
CA ILE A 366 35.94 12.42 0.52
C ILE A 366 37.20 12.60 -0.31
N MET A 367 37.58 11.58 -1.06
CA MET A 367 38.77 11.67 -1.89
C MET A 367 38.62 12.72 -2.98
N THR A 368 37.42 12.84 -3.54
CA THR A 368 37.18 13.87 -4.54
C THR A 368 37.37 15.25 -3.92
N LEU A 369 36.67 15.53 -2.82
CA LEU A 369 36.86 16.79 -2.12
C LEU A 369 38.31 17.00 -1.74
N LEU A 370 39.08 15.93 -1.57
CA LEU A 370 40.46 16.04 -1.16
C LEU A 370 41.41 16.28 -2.32
N HIS A 371 41.25 15.54 -3.42
CA HIS A 371 42.17 15.67 -4.54
C HIS A 371 41.42 15.76 -5.86
N PRO A 372 40.78 16.87 -6.15
CA PRO A 372 40.13 17.03 -7.45
C PRO A 372 41.15 17.15 -8.58
N LYS A 373 41.20 16.14 -9.44
CA LYS A 373 42.11 16.17 -10.59
C LYS A 373 41.39 15.58 -11.78
N LYS A 374 41.64 16.15 -12.96
CA LYS A 374 40.90 15.76 -14.15
C LYS A 374 41.09 14.30 -14.49
N HIS A 375 42.27 13.75 -14.21
CA HIS A 375 42.58 12.38 -14.57
C HIS A 375 41.97 11.37 -13.61
N LEU A 376 41.04 11.78 -12.76
CA LEU A 376 40.48 10.90 -11.76
C LEU A 376 38.99 10.65 -11.92
N LEU A 377 38.31 11.42 -12.75
CA LEU A 377 36.86 11.38 -12.80
C LEU A 377 36.32 9.98 -13.07
N PRO A 378 36.65 9.33 -14.20
CA PRO A 378 35.99 8.06 -14.52
C PRO A 378 36.04 7.07 -13.38
N TYR A 379 37.17 7.02 -12.68
CA TYR A 379 37.28 6.12 -11.53
C TYR A 379 36.23 6.43 -10.47
N VAL A 380 36.16 7.69 -10.05
CA VAL A 380 35.30 8.00 -8.91
C VAL A 380 33.83 7.96 -9.32
N LEU A 381 33.53 8.32 -10.57
CA LEU A 381 32.18 8.14 -11.06
C LEU A 381 31.77 6.68 -11.02
N ILE A 382 32.69 5.79 -11.42
CA ILE A 382 32.38 4.37 -11.32
C ILE A 382 32.19 3.97 -9.86
N ALA A 383 33.03 4.49 -8.98
CA ALA A 383 32.90 4.18 -7.56
C ALA A 383 31.50 4.48 -7.06
N CYS A 384 31.03 5.72 -7.28
CA CYS A 384 29.75 6.14 -6.74
C CYS A 384 28.57 5.48 -7.46
N SER A 385 28.59 5.45 -8.80
CA SER A 385 27.52 4.79 -9.53
C SER A 385 27.38 3.34 -9.12
N MET A 386 28.50 2.64 -8.94
CA MET A 386 28.44 1.24 -8.57
C MET A 386 28.03 1.08 -7.12
N SER A 387 28.44 2.01 -6.25
CA SER A 387 27.97 1.95 -4.88
C SER A 387 26.46 2.07 -4.84
N PHE A 388 25.88 2.93 -5.67
CA PHE A 388 24.43 3.09 -5.68
C PHE A 388 23.75 1.86 -6.25
N PHE A 389 24.22 1.38 -7.40
CA PHE A 389 23.54 0.24 -8.07
C PHE A 389 23.76 -1.08 -7.32
N LEU A 390 24.75 -1.15 -6.41
CA LEU A 390 25.02 -2.42 -5.76
C LEU A 390 24.23 -2.63 -4.49
N PHE A 391 23.78 -1.57 -3.82
CA PHE A 391 23.16 -1.71 -2.51
C PHE A 391 21.80 -1.06 -2.37
N SER A 392 21.30 -0.34 -3.37
CA SER A 392 20.01 0.30 -3.25
C SER A 392 18.91 -0.73 -3.04
N PHE A 393 17.72 -0.26 -2.68
CA PHE A 393 16.64 -1.17 -2.32
C PHE A 393 15.96 -1.76 -3.55
N GLN A 394 15.30 -0.90 -4.34
CA GLN A 394 14.55 -1.36 -5.53
C GLN A 394 15.29 -0.92 -6.81
N VAL A 395 16.05 -1.84 -7.41
CA VAL A 395 16.79 -1.57 -8.69
C VAL A 395 16.20 -2.48 -9.76
N HIS A 396 16.01 -2.07 -11.02
CA HIS A 396 15.51 -3.16 -11.93
C HIS A 396 16.61 -3.81 -12.75
N GLU A 397 16.23 -4.23 -13.94
CA GLU A 397 17.17 -5.06 -14.74
C GLU A 397 18.20 -4.18 -15.45
N LYS A 398 17.85 -2.91 -15.73
CA LYS A 398 18.78 -1.96 -16.41
C LYS A 398 19.59 -1.19 -15.37
N THR A 399 19.61 0.14 -15.50
CA THR A 399 20.37 1.07 -14.61
C THR A 399 21.87 0.78 -14.71
N ILE A 400 22.24 -0.45 -15.06
CA ILE A 400 23.64 -0.82 -15.21
C ILE A 400 24.28 0.05 -16.26
N LEU A 401 23.48 0.56 -17.20
CA LEU A 401 24.00 1.44 -18.22
C LEU A 401 24.58 2.69 -17.59
N ILE A 402 24.01 3.12 -16.47
CA ILE A 402 24.39 4.35 -15.80
C ILE A 402 25.77 4.22 -15.17
N PRO A 403 26.17 3.05 -14.68
CA PRO A 403 27.60 2.83 -14.46
C PRO A 403 28.36 2.63 -15.76
N LEU A 404 27.69 2.13 -16.81
CA LEU A 404 28.41 1.88 -18.04
C LEU A 404 28.79 3.16 -18.77
N LEU A 405 28.31 4.29 -18.31
CA LEU A 405 28.85 5.48 -18.95
C LEU A 405 30.30 5.67 -18.54
N PRO A 406 30.62 5.89 -17.25
CA PRO A 406 32.02 6.14 -16.90
C PRO A 406 32.90 4.92 -17.00
N ILE A 407 32.33 3.75 -17.28
CA ILE A 407 33.13 2.58 -17.63
C ILE A 407 33.61 2.76 -19.07
N THR A 408 32.67 2.87 -20.00
CA THR A 408 33.05 2.96 -21.40
C THR A 408 33.87 4.21 -21.67
N LEU A 409 33.76 5.22 -20.82
CA LEU A 409 34.56 6.41 -21.05
C LEU A 409 36.05 6.13 -20.88
N LEU A 410 36.41 4.92 -20.50
CA LEU A 410 37.81 4.63 -20.20
C LEU A 410 38.60 4.11 -21.39
N TYR A 411 37.94 3.75 -22.49
CA TYR A 411 38.63 3.21 -23.66
C TYR A 411 39.83 4.05 -24.04
N SER A 412 39.74 5.36 -23.78
CA SER A 412 40.78 6.30 -24.16
C SER A 412 42.09 6.03 -23.45
N SER A 413 42.10 5.14 -22.46
CA SER A 413 43.30 4.98 -21.67
C SER A 413 44.37 4.23 -22.45
N THR A 414 45.61 4.36 -21.99
CA THR A 414 46.77 3.81 -22.65
C THR A 414 47.16 2.44 -22.13
N ASP A 415 46.91 2.15 -20.86
CA ASP A 415 47.25 0.87 -20.27
C ASP A 415 46.49 -0.26 -20.95
N TRP A 416 47.07 -1.46 -20.86
CA TRP A 416 46.45 -2.65 -21.43
C TRP A 416 45.49 -3.32 -20.46
N ASN A 417 45.84 -3.37 -19.17
CA ASN A 417 44.96 -3.99 -18.20
C ASN A 417 43.60 -3.30 -18.18
N VAL A 418 43.59 -1.96 -18.23
CA VAL A 418 42.33 -1.25 -18.12
C VAL A 418 41.44 -1.55 -19.31
N LEU A 419 42.01 -1.56 -20.52
CA LEU A 419 41.21 -1.86 -21.70
C LEU A 419 40.68 -3.29 -21.64
N SER A 420 41.53 -4.23 -21.23
CA SER A 420 41.10 -5.61 -21.09
C SER A 420 39.93 -5.71 -20.13
N LEU A 421 40.08 -5.14 -18.93
CA LEU A 421 39.04 -5.19 -17.92
C LEU A 421 37.75 -4.58 -18.43
N VAL A 422 37.85 -3.42 -19.09
CA VAL A 422 36.66 -2.72 -19.53
C VAL A 422 35.91 -3.56 -20.55
N SER A 423 36.63 -4.17 -21.48
CA SER A 423 35.95 -5.03 -22.43
C SER A 423 35.31 -6.22 -21.73
N TRP A 424 36.00 -6.79 -20.74
CA TRP A 424 35.42 -7.88 -19.98
C TRP A 424 34.10 -7.47 -19.35
N ILE A 425 34.09 -6.33 -18.68
CA ILE A 425 32.92 -5.94 -17.93
C ILE A 425 31.79 -5.56 -18.86
N ASN A 426 32.12 -5.00 -20.03
CA ASN A 426 31.05 -4.71 -20.98
C ASN A 426 30.43 -6.00 -21.48
N ASN A 427 31.24 -7.02 -21.70
CA ASN A 427 30.67 -8.32 -22.08
C ASN A 427 29.78 -8.85 -20.97
N VAL A 428 30.22 -8.73 -19.72
CA VAL A 428 29.43 -9.23 -18.60
C VAL A 428 28.09 -8.51 -18.55
N ALA A 429 28.12 -7.17 -18.59
CA ALA A 429 26.91 -6.38 -18.57
C ALA A 429 25.97 -6.81 -19.68
N LEU A 430 26.49 -6.95 -20.89
CA LEU A 430 25.67 -7.42 -21.98
C LEU A 430 25.02 -8.74 -21.60
N PHE A 431 25.76 -9.58 -20.90
CA PHE A 431 25.22 -10.87 -20.51
C PHE A 431 24.03 -10.69 -19.58
N THR A 432 24.23 -9.99 -18.47
CA THR A 432 23.24 -9.96 -17.40
C THR A 432 21.90 -9.36 -17.83
N LEU A 433 21.82 -8.91 -19.07
CA LEU A 433 20.56 -8.44 -19.61
C LEU A 433 19.84 -9.50 -20.43
N TRP A 434 20.42 -10.69 -20.57
CA TRP A 434 19.81 -11.71 -21.42
C TRP A 434 18.38 -12.10 -21.04
N PRO A 435 18.01 -12.25 -19.76
CA PRO A 435 16.64 -12.68 -19.48
C PRO A 435 15.60 -11.74 -20.05
N LEU A 436 15.77 -10.45 -19.83
CA LEU A 436 14.86 -9.44 -20.37
C LEU A 436 14.69 -9.62 -21.87
N LEU A 437 15.80 -9.59 -22.60
CA LEU A 437 15.77 -9.80 -24.04
C LEU A 437 15.01 -11.06 -24.42
N LYS A 438 15.39 -12.18 -23.79
CA LYS A 438 14.79 -13.46 -24.11
C LYS A 438 13.27 -13.40 -23.98
N LYS A 439 12.78 -12.85 -22.88
CA LYS A 439 11.34 -12.66 -22.71
C LYS A 439 10.83 -11.44 -23.46
N ASP A 440 11.64 -10.88 -24.36
CA ASP A 440 11.24 -9.76 -25.19
C ASP A 440 11.40 -10.06 -26.68
N GLY A 441 11.62 -11.31 -27.05
CA GLY A 441 12.01 -11.64 -28.40
C GLY A 441 13.51 -11.56 -28.53
N LEU A 442 14.01 -10.92 -29.59
CA LEU A 442 15.44 -10.70 -29.79
C LEU A 442 16.24 -11.98 -29.62
N HIS A 443 15.71 -13.09 -30.12
CA HIS A 443 16.43 -14.37 -30.06
C HIS A 443 17.83 -14.22 -30.60
N LEU A 444 18.02 -13.34 -31.59
CA LEU A 444 19.20 -13.32 -32.44
C LEU A 444 20.08 -12.11 -32.25
N GLN A 445 19.49 -10.92 -32.15
CA GLN A 445 20.26 -9.70 -32.16
C GLN A 445 21.24 -9.65 -31.00
N TYR A 446 20.88 -10.32 -29.89
CA TYR A 446 21.77 -10.49 -28.76
C TYR A 446 23.14 -10.97 -29.24
N ALA A 447 23.17 -12.17 -29.82
CA ALA A 447 24.43 -12.75 -30.27
C ALA A 447 25.02 -11.97 -31.43
N VAL A 448 24.17 -11.37 -32.28
CA VAL A 448 24.69 -10.56 -33.37
C VAL A 448 25.63 -9.48 -32.84
N SER A 449 25.10 -8.63 -31.96
CA SER A 449 25.92 -7.54 -31.44
C SER A 449 27.02 -8.05 -30.53
N PHE A 450 26.72 -9.10 -29.75
CA PHE A 450 27.71 -9.75 -28.92
C PHE A 450 28.96 -10.05 -29.71
N LEU A 451 28.78 -10.77 -30.82
CA LEU A 451 29.89 -11.07 -31.71
C LEU A 451 30.53 -9.79 -32.22
N LEU A 452 29.75 -8.98 -32.95
CA LEU A 452 30.28 -7.80 -33.63
C LEU A 452 31.22 -6.97 -32.76
N SER A 453 30.76 -6.62 -31.56
CA SER A 453 31.54 -5.72 -30.73
C SER A 453 32.86 -6.34 -30.33
N ASN A 454 32.85 -7.61 -29.96
CA ASN A 454 34.09 -8.27 -29.55
C ASN A 454 35.04 -8.42 -30.73
N TRP A 455 34.49 -8.72 -31.92
CA TRP A 455 35.35 -8.85 -33.08
C TRP A 455 36.05 -7.54 -33.39
N LEU A 456 35.27 -6.49 -33.61
CA LEU A 456 35.87 -5.26 -34.11
C LEU A 456 36.66 -4.52 -33.09
N ILE A 457 36.81 -5.01 -31.87
CA ILE A 457 37.69 -4.37 -30.91
C ILE A 457 39.07 -5.03 -30.88
N GLY A 458 39.30 -6.01 -31.74
CA GLY A 458 40.58 -6.67 -31.77
C GLY A 458 40.71 -7.73 -30.69
N ASN A 459 39.87 -8.76 -30.76
CA ASN A 459 39.87 -9.85 -29.80
C ASN A 459 40.30 -11.17 -30.40
N PHE A 460 41.14 -11.16 -31.43
CA PHE A 460 41.54 -12.38 -32.12
C PHE A 460 43.06 -12.47 -32.26
N SER A 461 43.79 -11.82 -31.36
CA SER A 461 45.25 -11.79 -31.41
C SER A 461 45.88 -12.20 -30.09
N LEU A 490 45.16 -10.32 -25.67
CA LEU A 490 43.73 -10.05 -25.57
C LEU A 490 43.35 -9.83 -24.11
N LEU A 491 44.10 -10.47 -23.23
CA LEU A 491 43.81 -10.52 -21.80
C LEU A 491 44.94 -9.85 -21.03
N PRO A 492 44.77 -9.54 -19.75
CA PRO A 492 45.80 -8.80 -19.02
C PRO A 492 47.11 -9.57 -18.91
N TYR A 493 48.12 -8.89 -18.39
CA TYR A 493 49.44 -9.49 -18.16
C TYR A 493 49.54 -10.06 -16.75
N ASN A 494 48.57 -10.88 -16.34
CA ASN A 494 48.57 -11.42 -14.99
C ASN A 494 47.67 -12.64 -14.90
N VAL A 495 48.24 -13.79 -14.58
CA VAL A 495 47.50 -15.05 -14.67
C VAL A 495 46.29 -15.04 -13.75
N VAL A 496 46.39 -14.36 -12.60
CA VAL A 496 45.27 -14.28 -11.68
C VAL A 496 44.05 -13.71 -12.39
N TRP A 497 44.17 -12.48 -12.87
CA TRP A 497 43.11 -11.88 -13.66
C TRP A 497 42.75 -12.77 -14.84
N LYS A 498 43.75 -13.40 -15.47
CA LYS A 498 43.47 -14.23 -16.63
C LYS A 498 42.61 -15.43 -16.25
N SER A 499 43.01 -16.15 -15.21
CA SER A 499 42.21 -17.26 -14.71
C SER A 499 40.79 -16.82 -14.42
N PHE A 500 40.63 -15.67 -13.76
CA PHE A 500 39.30 -15.22 -13.39
C PHE A 500 38.45 -14.92 -14.61
N ILE A 501 38.98 -14.11 -15.53
CA ILE A 501 38.24 -13.74 -16.73
C ILE A 501 37.80 -14.97 -17.49
N ILE A 502 38.73 -15.90 -17.71
CA ILE A 502 38.39 -17.08 -18.50
C ILE A 502 37.34 -17.91 -17.75
N GLY A 503 37.47 -18.01 -16.43
CA GLY A 503 36.48 -18.76 -15.68
C GLY A 503 35.08 -18.18 -15.84
N THR A 504 34.96 -16.87 -15.70
CA THR A 504 33.65 -16.26 -15.86
C THR A 504 33.12 -16.44 -17.28
N TYR A 505 34.00 -16.38 -18.27
CA TYR A 505 33.55 -16.58 -19.64
C TYR A 505 33.00 -17.99 -19.83
N ILE A 506 33.69 -18.98 -19.26
CA ILE A 506 33.15 -20.34 -19.24
C ILE A 506 31.77 -20.34 -18.61
N ALA A 507 31.65 -19.72 -17.44
CA ALA A 507 30.38 -19.67 -16.72
C ALA A 507 29.27 -19.15 -17.61
N MET A 508 29.52 -18.03 -18.28
CA MET A 508 28.52 -17.47 -19.20
C MET A 508 28.17 -18.47 -20.29
N GLY A 509 29.20 -19.01 -20.95
CA GLY A 509 28.94 -20.08 -21.92
C GLY A 509 28.20 -21.24 -21.29
N PHE A 510 28.67 -21.68 -20.12
CA PHE A 510 28.01 -22.75 -19.38
C PHE A 510 26.53 -22.50 -19.23
N TYR A 511 26.19 -21.40 -18.55
CA TYR A 511 24.80 -21.08 -18.23
C TYR A 511 23.92 -21.15 -19.47
N HIS A 512 24.43 -20.66 -20.60
CA HIS A 512 23.62 -20.56 -21.80
C HIS A 512 23.12 -21.92 -22.26
N PHE A 513 23.70 -22.99 -21.73
CA PHE A 513 23.15 -24.32 -21.97
C PHE A 513 22.03 -24.64 -20.99
N LEU A 514 22.30 -24.48 -19.68
CA LEU A 514 21.45 -25.00 -18.64
C LEU A 514 20.00 -24.54 -18.74
N ASP A 515 19.73 -23.54 -19.58
CA ASP A 515 18.37 -23.10 -19.84
C ASP A 515 17.86 -23.53 -21.20
N GLN A 516 18.72 -23.49 -22.21
CA GLN A 516 18.27 -23.71 -23.59
C GLN A 516 17.74 -25.12 -23.79
N PHE A 517 18.29 -26.08 -23.08
CA PHE A 517 17.84 -27.46 -23.19
C PHE A 517 17.44 -28.08 -21.88
N VAL A 518 18.06 -27.68 -20.78
CA VAL A 518 17.73 -28.22 -19.48
C VAL A 518 16.52 -27.49 -18.91
N ALA A 519 15.65 -28.24 -18.26
CA ALA A 519 14.56 -27.65 -17.50
C ALA A 519 15.00 -27.54 -16.05
N PRO A 520 14.53 -26.53 -15.32
CA PRO A 520 14.88 -26.41 -13.91
C PRO A 520 14.41 -27.63 -13.13
N PRO A 521 14.92 -27.83 -11.91
CA PRO A 521 14.50 -29.00 -11.13
C PRO A 521 13.02 -29.00 -10.76
N SER A 522 12.29 -27.93 -11.07
CA SER A 522 10.86 -27.81 -10.82
C SER A 522 10.58 -27.74 -9.33
N LYS A 523 11.61 -27.87 -8.49
CA LYS A 523 11.45 -27.59 -7.08
C LYS A 523 11.40 -26.09 -6.83
N TYR A 524 12.04 -25.32 -7.70
CA TYR A 524 11.91 -23.88 -7.81
C TYR A 524 12.39 -23.49 -9.20
N PRO A 525 11.47 -23.33 -10.14
CA PRO A 525 11.85 -23.23 -11.55
C PRO A 525 12.74 -22.05 -11.88
N ASP A 526 12.38 -20.86 -11.42
CA ASP A 526 13.11 -19.65 -11.80
C ASP A 526 14.47 -19.62 -11.11
N LEU A 527 15.34 -20.55 -11.50
CA LEU A 527 16.66 -20.69 -10.90
C LEU A 527 17.73 -20.07 -11.78
N TRP A 528 17.75 -20.44 -13.06
CA TRP A 528 18.74 -19.90 -13.98
C TRP A 528 18.81 -18.39 -13.88
N VAL A 529 17.65 -17.74 -13.76
CA VAL A 529 17.65 -16.30 -13.59
C VAL A 529 18.33 -15.92 -12.29
N LEU A 530 18.14 -16.72 -11.24
CA LEU A 530 18.83 -16.44 -10.00
C LEU A 530 20.30 -16.77 -10.11
N LEU A 531 20.63 -17.80 -10.89
CA LEU A 531 22.03 -18.04 -11.23
C LEU A 531 22.65 -16.82 -11.88
N ASN A 532 21.88 -16.10 -12.68
CA ASN A 532 22.36 -14.89 -13.34
C ASN A 532 22.52 -13.75 -12.34
N CYS A 533 21.48 -13.50 -11.55
CA CYS A 533 21.52 -12.57 -10.42
C CYS A 533 22.79 -12.81 -9.62
N ALA A 534 23.22 -14.07 -9.52
CA ALA A 534 24.42 -14.42 -8.77
C ALA A 534 25.71 -14.11 -9.54
N VAL A 535 25.87 -14.74 -10.71
CA VAL A 535 27.12 -14.67 -11.44
C VAL A 535 27.48 -13.24 -11.82
N GLY A 536 26.47 -12.38 -12.02
CA GLY A 536 26.79 -10.98 -12.24
C GLY A 536 27.32 -10.27 -11.02
N PHE A 537 26.84 -10.65 -9.83
CA PHE A 537 27.20 -9.93 -8.63
C PHE A 537 28.70 -10.01 -8.37
N ILE A 538 29.27 -11.20 -8.48
CA ILE A 538 30.70 -11.37 -8.22
C ILE A 538 31.51 -10.45 -9.12
N CYS A 539 31.17 -10.46 -10.41
CA CYS A 539 31.86 -9.63 -11.38
C CYS A 539 31.80 -8.17 -10.98
N PHE A 540 30.59 -7.66 -10.75
CA PHE A 540 30.48 -6.24 -10.48
C PHE A 540 31.15 -5.87 -9.18
N SER A 541 31.09 -6.75 -8.18
CA SER A 541 31.68 -6.45 -6.89
C SER A 541 33.18 -6.32 -7.00
N ILE A 542 33.83 -7.31 -7.62
CA ILE A 542 35.27 -7.24 -7.80
C ILE A 542 35.64 -6.03 -8.65
N PHE A 543 34.81 -5.70 -9.64
CA PHE A 543 35.10 -4.53 -10.45
C PHE A 543 35.11 -3.27 -9.61
N TRP A 544 34.07 -3.08 -8.80
CA TRP A 544 34.01 -1.88 -7.98
C TRP A 544 35.15 -1.84 -6.98
N LEU A 545 35.53 -2.98 -6.43
CA LEU A 545 36.68 -3.02 -5.54
C LEU A 545 37.95 -2.60 -6.28
N TRP A 546 38.13 -3.08 -7.51
CA TRP A 546 39.28 -2.67 -8.29
C TRP A 546 39.21 -1.19 -8.63
N SER A 547 38.01 -0.63 -8.71
CA SER A 547 37.87 0.80 -8.93
C SER A 547 38.39 1.58 -7.73
N TYR A 548 37.93 1.23 -6.53
CA TYR A 548 38.51 1.82 -5.31
C TYR A 548 40.02 1.61 -5.26
N TYR A 549 40.47 0.44 -5.69
CA TYR A 549 41.89 0.13 -5.75
C TYR A 549 42.56 1.19 -6.61
N LYS A 550 42.20 1.24 -7.89
CA LYS A 550 42.75 2.18 -8.84
C LYS A 550 42.69 3.62 -8.33
N ILE A 551 41.69 3.95 -7.52
CA ILE A 551 41.69 5.28 -6.90
C ILE A 551 42.84 5.40 -5.92
N PHE A 552 42.92 4.48 -4.97
CA PHE A 552 43.90 4.65 -3.88
C PHE A 552 45.33 4.41 -4.34
N THR A 553 45.55 3.38 -5.16
CA THR A 553 46.89 3.13 -5.69
C THR A 553 47.34 4.30 -6.55
N SER A 554 46.45 4.84 -7.36
CA SER A 554 46.74 6.06 -8.08
C SER A 554 46.54 7.24 -7.14
N GLY A 555 46.49 8.45 -7.69
CA GLY A 555 46.68 9.60 -6.85
C GLY A 555 48.13 9.81 -6.51
N SER A 556 49.03 9.15 -7.23
CA SER A 556 50.47 9.31 -7.11
C SER A 556 50.96 10.54 -7.82
N LYS A 557 50.06 11.48 -8.06
CA LYS A 557 50.33 12.65 -8.89
C LYS A 557 50.86 12.23 -10.25
N SER A 558 50.31 11.13 -10.77
CA SER A 558 50.73 10.63 -12.07
C SER A 558 50.56 11.70 -13.13
N MET A 559 51.25 11.50 -14.27
CA MET A 559 51.37 12.53 -15.29
C MET A 559 50.03 13.09 -15.76
N LYS A 560 48.93 12.40 -15.45
CA LYS A 560 47.58 12.83 -15.80
C LYS A 560 47.39 12.69 -17.31
N ASP A 561 48.48 12.39 -18.01
CA ASP A 561 48.41 12.04 -19.41
C ASP A 561 47.99 10.59 -19.59
N LEU A 562 47.59 9.93 -18.51
CA LEU A 562 47.15 8.56 -18.58
C LEU A 562 45.68 8.51 -18.94
N VAL B 5 -10.85 19.31 8.67
CA VAL B 5 -10.27 18.34 9.60
C VAL B 5 -11.35 17.40 10.09
N GLN B 6 -12.42 17.27 9.31
CA GLN B 6 -13.54 16.43 9.71
C GLN B 6 -14.22 15.91 8.45
N LEU B 7 -14.23 14.60 8.28
CA LEU B 7 -14.84 13.99 7.11
C LEU B 7 -16.35 14.04 7.26
N VAL B 8 -17.06 13.88 6.14
CA VAL B 8 -18.51 13.72 6.18
C VAL B 8 -18.90 12.62 5.20
N GLU B 9 -19.89 11.83 5.57
CA GLU B 9 -20.44 10.80 4.69
C GLU B 9 -21.78 11.24 4.13
N SER B 10 -22.20 10.58 3.05
CA SER B 10 -23.48 10.87 2.44
C SER B 10 -23.90 9.71 1.57
N GLY B 11 -25.18 9.38 1.60
CA GLY B 11 -25.71 8.29 0.83
C GLY B 11 -25.91 7.04 1.68
N GLY B 12 -27.15 6.80 2.09
CA GLY B 12 -27.44 5.64 2.91
C GLY B 12 -28.91 5.44 3.20
N GLY B 13 -29.38 4.22 3.00
CA GLY B 13 -30.78 3.90 3.15
C GLY B 13 -31.05 2.50 2.65
N LEU B 14 -32.30 2.06 2.81
CA LEU B 14 -32.66 0.71 2.43
C LEU B 14 -32.40 0.49 0.94
N VAL B 15 -31.83 -0.67 0.62
CA VAL B 15 -31.66 -1.07 -0.78
C VAL B 15 -31.90 -2.57 -0.87
N GLN B 16 -32.76 -2.96 -1.80
CA GLN B 16 -33.08 -4.36 -1.97
C GLN B 16 -31.89 -5.10 -2.56
N PRO B 17 -31.76 -6.39 -2.27
CA PRO B 17 -30.64 -7.17 -2.82
C PRO B 17 -30.61 -7.16 -4.33
N GLY B 18 -29.42 -7.06 -4.92
CA GLY B 18 -29.29 -6.86 -6.35
C GLY B 18 -29.26 -5.39 -6.70
N GLY B 19 -29.47 -4.54 -5.69
CA GLY B 19 -29.50 -3.11 -5.90
C GLY B 19 -28.13 -2.51 -6.15
N SER B 20 -27.97 -1.23 -5.81
CA SER B 20 -26.72 -0.53 -6.04
CA SER B 20 -26.72 -0.53 -6.04
C SER B 20 -26.75 0.78 -5.27
N LEU B 21 -25.57 1.26 -4.90
CA LEU B 21 -25.44 2.54 -4.22
C LEU B 21 -24.12 3.18 -4.59
N ARG B 22 -23.92 4.41 -4.11
CA ARG B 22 -22.64 5.09 -4.29
C ARG B 22 -22.46 6.04 -3.12
N LEU B 23 -21.72 5.59 -2.12
CA LEU B 23 -21.49 6.42 -0.95
C LEU B 23 -20.42 7.46 -1.23
N SER B 24 -20.64 8.66 -0.73
CA SER B 24 -19.72 9.76 -0.93
C SER B 24 -19.14 10.21 0.41
N CYS B 25 -17.88 10.61 0.38
CA CYS B 25 -17.18 11.11 1.56
C CYS B 25 -16.46 12.39 1.17
N ALA B 26 -16.79 13.48 1.84
CA ALA B 26 -16.22 14.78 1.54
C ALA B 26 -15.29 15.23 2.65
N ALA B 27 -14.13 15.75 2.26
CA ALA B 27 -13.08 16.10 3.19
C ALA B 27 -13.32 17.47 3.78
N SER B 28 -12.36 17.95 4.57
CA SER B 28 -12.44 19.29 5.15
C SER B 28 -11.02 19.74 5.48
N GLY B 29 -10.46 20.59 4.64
CA GLY B 29 -9.18 21.20 4.96
C GLY B 29 -8.00 20.27 5.03
N PHE B 30 -7.97 19.25 4.18
CA PHE B 30 -6.75 18.47 3.97
C PHE B 30 -6.87 17.82 2.61
N ASN B 31 -5.79 17.87 1.83
CA ASN B 31 -5.83 17.31 0.50
C ASN B 31 -6.23 15.84 0.56
N VAL B 32 -6.97 15.39 -0.44
CA VAL B 32 -7.39 14.00 -0.48
C VAL B 32 -6.56 13.22 -1.49
N TYR B 33 -5.56 13.85 -2.10
CA TYR B 33 -4.62 13.12 -2.93
C TYR B 33 -3.39 12.71 -2.15
N SER B 34 -3.37 12.90 -0.84
CA SER B 34 -2.23 12.54 -0.02
C SER B 34 -2.68 11.84 1.24
N SER B 35 -3.72 11.02 1.14
CA SER B 35 -4.28 10.46 2.36
C SER B 35 -4.66 8.98 2.29
N SER B 36 -4.75 8.36 1.12
CA SER B 36 -4.98 6.91 1.04
C SER B 36 -6.26 6.51 1.78
N ILE B 37 -7.38 7.00 1.24
CA ILE B 37 -8.69 6.70 1.78
C ILE B 37 -8.90 5.20 1.96
N HIS B 38 -9.49 4.82 3.09
CA HIS B 38 -10.04 3.48 3.31
C HIS B 38 -11.53 3.60 3.56
N TRP B 39 -12.23 2.47 3.40
CA TRP B 39 -13.64 2.39 3.76
C TRP B 39 -13.84 1.26 4.76
N VAL B 40 -13.88 1.61 6.04
CA VAL B 40 -14.00 0.62 7.10
C VAL B 40 -15.47 0.45 7.44
N ARG B 41 -15.98 -0.77 7.31
CA ARG B 41 -17.36 -1.05 7.65
C ARG B 41 -17.39 -1.86 8.93
N GLN B 42 -18.47 -1.71 9.68
CA GLN B 42 -18.72 -2.48 10.89
C GLN B 42 -20.09 -3.10 10.81
N ALA B 43 -20.15 -4.41 10.87
CA ALA B 43 -21.44 -5.10 10.87
C ALA B 43 -22.11 -4.83 12.22
N PRO B 44 -23.43 -5.02 12.32
CA PRO B 44 -24.09 -4.80 13.61
C PRO B 44 -23.64 -5.82 14.64
N GLY B 45 -23.17 -5.31 15.78
CA GLY B 45 -22.76 -6.18 16.87
C GLY B 45 -21.53 -7.01 16.59
N LYS B 46 -20.70 -6.58 15.63
CA LYS B 46 -19.51 -7.32 15.27
C LYS B 46 -18.31 -6.38 15.25
N GLY B 47 -17.16 -6.92 14.93
CA GLY B 47 -15.94 -6.14 14.94
C GLY B 47 -15.71 -5.41 13.64
N LEU B 48 -14.77 -4.47 13.68
CA LEU B 48 -14.45 -3.66 12.52
C LEU B 48 -13.93 -4.53 11.40
N GLU B 49 -13.98 -4.03 10.17
CA GLU B 49 -13.55 -4.82 9.02
C GLU B 49 -13.27 -3.88 7.87
N TRP B 50 -12.07 -3.94 7.33
CA TRP B 50 -11.70 -3.08 6.22
C TRP B 50 -12.29 -3.64 4.92
N VAL B 51 -12.57 -2.73 3.98
CA VAL B 51 -13.23 -3.12 2.73
C VAL B 51 -12.39 -2.77 1.51
N ALA B 52 -12.16 -1.47 1.30
CA ALA B 52 -11.44 -1.01 0.13
C ALA B 52 -10.53 0.14 0.53
N SER B 53 -9.62 0.50 -0.38
CA SER B 53 -8.60 1.48 -0.05
C SER B 53 -8.16 2.19 -1.33
N ILE B 54 -7.12 3.01 -1.19
CA ILE B 54 -6.56 3.76 -2.31
C ILE B 54 -5.19 4.24 -1.86
N SER B 55 -4.34 4.62 -2.81
CA SER B 55 -3.04 5.16 -2.47
C SER B 55 -2.89 6.65 -2.70
N SER B 56 -3.80 7.26 -3.45
CA SER B 56 -3.92 8.71 -3.62
C SER B 56 -2.80 9.29 -4.45
N TYR B 57 -1.78 8.49 -4.77
CA TYR B 57 -0.76 8.87 -5.73
C TYR B 57 -0.63 7.91 -6.89
N SER B 58 -1.11 6.69 -6.77
CA SER B 58 -0.98 5.77 -7.89
C SER B 58 -2.21 4.90 -8.03
N GLY B 59 -3.38 5.41 -7.66
CA GLY B 59 -4.64 4.71 -7.85
C GLY B 59 -4.58 3.22 -7.59
N TYR B 60 -4.01 2.83 -6.47
CA TYR B 60 -3.84 1.42 -6.16
C TYR B 60 -5.00 0.93 -5.30
N THR B 61 -6.16 0.82 -5.93
CA THR B 61 -7.29 0.22 -5.26
C THR B 61 -6.95 -1.21 -4.87
N SER B 62 -7.43 -1.62 -3.71
CA SER B 62 -7.25 -2.99 -3.25
C SER B 62 -8.52 -3.37 -2.50
N TYR B 63 -9.28 -4.31 -3.05
CA TYR B 63 -10.57 -4.66 -2.47
C TYR B 63 -10.44 -5.93 -1.64
N ALA B 64 -11.11 -5.94 -0.50
CA ALA B 64 -11.11 -7.13 0.34
C ALA B 64 -11.67 -8.31 -0.41
N ASP B 65 -11.26 -9.51 0.02
CA ASP B 65 -11.54 -10.73 -0.72
C ASP B 65 -13.01 -11.11 -0.71
N SER B 66 -13.85 -10.27 -0.12
CA SER B 66 -15.28 -10.49 -0.15
C SER B 66 -16.00 -9.59 -1.12
N VAL B 67 -15.33 -8.57 -1.65
CA VAL B 67 -16.00 -7.56 -2.45
C VAL B 67 -15.34 -7.45 -3.82
N LYS B 68 -14.65 -8.51 -4.22
CA LYS B 68 -14.07 -8.54 -5.55
C LYS B 68 -15.17 -8.30 -6.58
N GLY B 69 -15.09 -7.20 -7.30
CA GLY B 69 -16.00 -6.95 -8.38
C GLY B 69 -17.29 -6.28 -7.97
N ARG B 70 -17.92 -6.77 -6.90
CA ARG B 70 -19.22 -6.24 -6.53
C ARG B 70 -19.14 -4.75 -6.19
N PHE B 71 -17.99 -4.28 -5.78
CA PHE B 71 -17.82 -2.88 -5.42
C PHE B 71 -16.80 -2.25 -6.36
N THR B 72 -16.62 -0.94 -6.19
CA THR B 72 -15.58 -0.21 -6.90
C THR B 72 -15.32 1.13 -6.25
N ILE B 73 -14.11 1.36 -5.80
CA ILE B 73 -13.78 2.62 -5.15
C ILE B 73 -13.37 3.63 -6.21
N SER B 74 -13.37 4.91 -5.85
CA SER B 74 -12.90 5.95 -6.76
C SER B 74 -12.62 7.18 -5.93
N ALA B 75 -11.86 8.10 -6.50
CA ALA B 75 -11.54 9.34 -5.82
C ALA B 75 -11.63 10.49 -6.80
N ASP B 76 -11.59 11.70 -6.26
CA ASP B 76 -11.52 12.90 -7.08
C ASP B 76 -10.95 14.00 -6.21
N THR B 77 -9.76 14.48 -6.55
CA THR B 77 -9.14 15.56 -5.80
C THR B 77 -9.58 16.94 -6.29
N SER B 78 -10.37 17.00 -7.35
CA SER B 78 -10.88 18.29 -7.80
C SER B 78 -11.74 18.94 -6.73
N LYS B 79 -12.38 18.15 -5.89
CA LYS B 79 -13.31 18.67 -4.90
C LYS B 79 -13.14 17.96 -3.56
N ASN B 80 -12.03 17.28 -3.36
CA ASN B 80 -11.78 16.51 -2.15
C ASN B 80 -12.94 15.57 -1.85
N THR B 81 -13.15 14.63 -2.78
CA THR B 81 -14.26 13.69 -2.67
C THR B 81 -13.76 12.28 -2.89
N ALA B 82 -14.41 11.33 -2.22
CA ALA B 82 -14.13 9.91 -2.40
C ALA B 82 -15.43 9.15 -2.50
N TYR B 83 -15.49 8.20 -3.43
CA TYR B 83 -16.73 7.51 -3.70
C TYR B 83 -16.51 6.01 -3.60
N LEU B 84 -17.56 5.31 -3.18
CA LEU B 84 -17.57 3.86 -3.15
C LEU B 84 -18.85 3.40 -3.82
N GLN B 85 -18.73 2.84 -5.02
CA GLN B 85 -19.86 2.32 -5.76
C GLN B 85 -20.09 0.86 -5.38
N MET B 86 -21.35 0.49 -5.24
CA MET B 86 -21.74 -0.85 -4.82
C MET B 86 -22.77 -1.38 -5.78
N ASN B 87 -22.60 -2.64 -6.20
CA ASN B 87 -23.33 -3.19 -7.33
C ASN B 87 -24.18 -4.41 -7.01
N SER B 88 -23.77 -5.24 -6.06
CA SER B 88 -24.49 -6.47 -5.79
C SER B 88 -25.39 -6.35 -4.56
N LEU B 89 -24.81 -6.03 -3.42
CA LEU B 89 -25.54 -5.81 -2.18
C LEU B 89 -26.33 -7.05 -1.76
N ARG B 90 -25.59 -8.11 -1.45
CA ARG B 90 -26.18 -9.28 -0.82
C ARG B 90 -26.77 -8.89 0.55
N ALA B 91 -27.56 -9.80 1.10
CA ALA B 91 -28.35 -9.48 2.28
C ALA B 91 -27.50 -9.22 3.51
N GLU B 92 -26.29 -9.74 3.58
CA GLU B 92 -25.46 -9.60 4.78
C GLU B 92 -24.62 -8.34 4.76
N ASP B 93 -24.61 -7.59 3.67
CA ASP B 93 -23.74 -6.43 3.57
C ASP B 93 -24.23 -5.26 4.43
N THR B 94 -25.35 -5.40 5.12
CA THR B 94 -25.86 -4.34 5.97
C THR B 94 -24.86 -4.01 7.07
N ALA B 95 -24.57 -2.72 7.23
CA ALA B 95 -23.57 -2.32 8.20
C ALA B 95 -23.54 -0.82 8.46
N VAL B 96 -22.55 -0.37 9.20
CA VAL B 96 -22.19 1.04 9.26
C VAL B 96 -20.91 1.19 8.47
N TYR B 97 -20.76 2.32 7.80
CA TYR B 97 -19.60 2.55 6.94
C TYR B 97 -18.95 3.88 7.32
N TYR B 98 -17.63 3.86 7.47
CA TYR B 98 -16.85 5.07 7.67
C TYR B 98 -15.81 5.17 6.57
N CYS B 99 -15.53 6.40 6.16
CA CYS B 99 -14.35 6.69 5.36
C CYS B 99 -13.22 7.11 6.31
N ALA B 100 -11.99 6.80 5.95
CA ALA B 100 -10.90 6.94 6.91
C ALA B 100 -9.62 7.36 6.22
N ARG B 101 -8.94 8.35 6.78
CA ARG B 101 -7.69 8.83 6.20
C ARG B 101 -6.51 8.14 6.86
N GLU B 102 -5.39 8.06 6.13
CA GLU B 102 -4.18 7.43 6.67
C GLU B 102 -2.98 7.97 5.92
N TYR B 103 -2.09 8.65 6.63
CA TYR B 103 -1.07 9.48 5.99
C TYR B 103 0.29 8.79 6.04
N TRP B 104 0.66 8.15 4.94
CA TRP B 104 1.98 7.54 4.86
C TRP B 104 3.05 8.63 4.77
N SER B 105 4.30 8.21 4.63
CA SER B 105 5.42 9.12 4.44
C SER B 105 6.58 8.33 3.88
N TRP B 106 7.76 8.95 3.87
CA TRP B 106 8.95 8.29 3.33
C TRP B 106 9.31 7.08 4.17
N TYR B 107 9.89 6.08 3.51
CA TYR B 107 10.29 4.83 4.14
C TYR B 107 9.09 4.08 4.71
N SER B 108 7.97 4.14 4.01
CA SER B 108 6.76 3.43 4.39
C SER B 108 6.46 3.59 5.87
N TYR B 109 6.68 4.80 6.37
CA TYR B 109 6.45 5.13 7.77
C TYR B 109 5.01 5.58 7.90
N SER B 110 4.14 4.70 8.40
CA SER B 110 2.74 5.03 8.55
C SER B 110 2.55 6.14 9.56
N TYR B 111 1.34 6.65 9.60
CA TYR B 111 0.95 7.57 10.66
C TYR B 111 -0.42 7.22 11.22
N GLY B 112 -0.92 6.03 10.94
CA GLY B 112 -2.19 5.61 11.49
C GLY B 112 -3.36 6.30 10.80
N ILE B 113 -4.55 5.95 11.26
CA ILE B 113 -5.79 6.42 10.66
C ILE B 113 -6.25 7.62 11.50
N ASP B 114 -5.78 8.80 11.13
CA ASP B 114 -6.07 10.00 11.89
C ASP B 114 -7.57 10.29 11.95
N TYR B 115 -8.17 10.55 10.80
CA TYR B 115 -9.48 11.18 10.72
C TYR B 115 -10.51 10.20 10.18
N TRP B 116 -11.58 10.02 10.96
CA TRP B 116 -12.65 9.10 10.65
C TRP B 116 -13.92 9.87 10.31
N GLY B 117 -14.62 9.42 9.28
CA GLY B 117 -15.96 9.93 9.03
C GLY B 117 -16.90 9.62 10.17
N GLN B 118 -17.95 10.42 10.27
CA GLN B 118 -18.89 10.24 11.37
C GLN B 118 -19.67 8.94 11.25
N GLY B 119 -19.78 8.39 10.05
CA GLY B 119 -20.39 7.08 9.88
C GLY B 119 -21.81 7.12 9.35
N THR B 120 -22.06 6.35 8.31
CA THR B 120 -23.39 6.24 7.72
C THR B 120 -23.94 4.85 7.92
N LEU B 121 -25.26 4.75 8.01
CA LEU B 121 -25.89 3.44 8.08
C LEU B 121 -26.25 2.96 6.69
N VAL B 122 -26.18 1.64 6.49
CA VAL B 122 -26.60 1.01 5.25
C VAL B 122 -27.36 -0.24 5.61
N THR B 123 -28.59 -0.36 5.10
CA THR B 123 -29.48 -1.48 5.42
C THR B 123 -29.90 -2.16 4.14
N VAL B 124 -29.43 -3.37 3.92
CA VAL B 124 -29.74 -4.14 2.72
C VAL B 124 -30.82 -5.13 3.08
N SER B 125 -32.05 -4.89 2.60
CA SER B 125 -33.16 -5.78 2.92
C SER B 125 -34.21 -5.67 1.82
N SER B 126 -35.17 -6.59 1.86
CA SER B 126 -36.27 -6.64 0.89
C SER B 126 -37.55 -6.92 1.67
N ALA B 127 -38.20 -5.85 2.11
CA ALA B 127 -39.45 -5.96 2.87
C ALA B 127 -40.13 -4.59 2.95
N SER B 128 -41.44 -4.57 3.12
CA SER B 128 -42.16 -3.31 3.20
C SER B 128 -42.13 -2.79 4.63
N THR B 129 -42.04 -1.45 4.73
CA THR B 129 -42.07 -0.74 6.04
C THR B 129 -43.32 -1.22 6.79
N LYS B 130 -43.12 -1.88 7.93
CA LYS B 130 -44.23 -2.47 8.67
C LYS B 130 -44.30 -1.88 10.07
N GLY B 131 -45.52 -1.75 10.57
CA GLY B 131 -45.75 -1.25 11.89
C GLY B 131 -45.63 -2.34 12.93
N PRO B 132 -45.50 -1.96 14.19
CA PRO B 132 -45.24 -2.93 15.26
C PRO B 132 -46.50 -3.61 15.75
N SER B 133 -46.29 -4.69 16.50
CA SER B 133 -47.34 -5.38 17.22
C SER B 133 -46.90 -5.58 18.66
N VAL B 134 -47.71 -5.11 19.60
CA VAL B 134 -47.34 -5.11 21.00
C VAL B 134 -48.12 -6.17 21.74
N PHE B 135 -47.46 -6.82 22.70
CA PHE B 135 -48.13 -7.73 23.60
C PHE B 135 -47.56 -7.48 25.00
N PRO B 136 -48.41 -7.37 26.01
CA PRO B 136 -47.92 -7.02 27.35
C PRO B 136 -47.22 -8.20 28.01
N LEU B 137 -46.00 -7.98 28.47
CA LEU B 137 -45.34 -8.92 29.37
C LEU B 137 -46.05 -8.83 30.71
N ALA B 138 -47.20 -9.50 30.80
CA ALA B 138 -48.05 -9.49 32.02
C ALA B 138 -47.26 -10.04 33.21
N PRO B 139 -47.33 -9.40 34.40
CA PRO B 139 -46.62 -9.90 35.58
C PRO B 139 -47.27 -11.22 36.02
N SER B 140 -46.46 -12.15 36.53
CA SER B 140 -46.94 -13.48 36.98
C SER B 140 -48.16 -13.33 37.89
N SER B 141 -49.23 -14.06 37.59
CA SER B 141 -50.47 -14.00 38.41
C SER B 141 -50.16 -14.51 39.83
N LYS B 142 -49.35 -15.57 39.91
CA LYS B 142 -48.95 -16.17 41.22
C LYS B 142 -47.56 -15.63 41.61
N SER B 143 -47.35 -14.32 41.49
CA SER B 143 -46.05 -13.69 41.84
C SER B 143 -45.91 -13.59 43.37
N THR B 144 -44.68 -13.45 43.85
CA THR B 144 -44.44 -13.35 45.30
C THR B 144 -44.82 -11.95 45.76
N SER B 145 -45.78 -11.87 46.68
CA SER B 145 -46.36 -10.58 47.03
C SER B 145 -45.40 -9.75 47.86
N GLY B 146 -45.39 -8.45 47.60
CA GLY B 146 -44.51 -7.51 48.28
C GLY B 146 -43.18 -7.23 47.60
N GLY B 147 -42.46 -8.28 47.20
CA GLY B 147 -41.11 -8.13 46.74
C GLY B 147 -40.98 -7.90 45.24
N THR B 148 -40.28 -8.81 44.57
CA THR B 148 -39.96 -8.63 43.16
C THR B 148 -41.23 -8.81 42.33
N ALA B 149 -41.53 -7.81 41.49
CA ALA B 149 -42.64 -7.87 40.56
C ALA B 149 -42.15 -7.29 39.24
N ALA B 150 -41.60 -8.15 38.39
CA ALA B 150 -41.04 -7.74 37.11
C ALA B 150 -42.04 -7.96 36.01
N LEU B 151 -42.28 -6.93 35.21
CA LEU B 151 -43.23 -6.98 34.12
C LEU B 151 -42.70 -6.12 32.99
N GLY B 152 -43.45 -6.05 31.88
CA GLY B 152 -43.01 -5.21 30.78
C GLY B 152 -43.95 -5.31 29.62
N CYS B 153 -43.39 -5.09 28.43
CA CYS B 153 -44.15 -5.31 27.20
C CYS B 153 -43.20 -5.57 26.04
N LEU B 154 -43.64 -6.46 25.16
CA LEU B 154 -42.91 -6.90 23.99
C LEU B 154 -43.44 -6.19 22.76
N VAL B 155 -42.52 -5.78 21.88
CA VAL B 155 -42.85 -5.34 20.55
C VAL B 155 -42.27 -6.35 19.58
N LYS B 156 -43.05 -6.70 18.55
CA LYS B 156 -42.66 -7.74 17.63
C LYS B 156 -43.17 -7.37 16.25
N ASP B 157 -42.43 -7.82 15.23
CA ASP B 157 -42.81 -7.65 13.83
C ASP B 157 -43.00 -6.18 13.48
N TYR B 158 -41.86 -5.46 13.50
CA TYR B 158 -41.78 -4.03 13.14
C TYR B 158 -40.53 -3.82 12.27
N PHE B 159 -40.61 -2.90 11.29
CA PHE B 159 -39.45 -2.67 10.38
C PHE B 159 -39.54 -1.27 9.76
N PRO B 160 -38.41 -0.54 9.61
CA PRO B 160 -37.12 -1.00 10.11
C PRO B 160 -36.82 -0.44 11.51
N GLU B 161 -35.63 0.13 11.69
CA GLU B 161 -35.20 0.71 13.00
C GLU B 161 -35.32 2.24 12.92
N PRO B 162 -35.28 2.98 14.05
CA PRO B 162 -35.41 2.41 15.38
C PRO B 162 -36.79 2.67 15.99
N VAL B 163 -37.05 2.08 17.16
CA VAL B 163 -38.31 2.25 17.87
C VAL B 163 -38.00 2.69 19.30
N THR B 164 -38.83 3.56 19.86
CA THR B 164 -38.63 3.97 21.23
C THR B 164 -39.83 3.55 22.06
N VAL B 165 -39.59 3.23 23.35
CA VAL B 165 -40.67 2.82 24.29
C VAL B 165 -40.38 3.44 25.66
N SER B 166 -41.44 3.78 26.41
CA SER B 166 -41.36 4.37 27.74
CA SER B 166 -41.35 4.36 27.74
C SER B 166 -42.45 3.75 28.60
N TRP B 167 -42.43 4.10 29.88
CA TRP B 167 -43.37 3.53 30.84
C TRP B 167 -44.17 4.65 31.49
N ASN B 168 -45.48 4.59 31.33
CA ASN B 168 -46.38 5.63 31.80
C ASN B 168 -45.99 6.99 31.21
N SER B 169 -45.39 6.93 30.02
CA SER B 169 -44.96 8.12 29.28
C SER B 169 -44.06 9.00 30.15
N GLY B 170 -42.91 8.45 30.50
CA GLY B 170 -41.95 9.14 31.33
C GLY B 170 -42.29 9.19 32.80
N ALA B 171 -43.50 8.80 33.19
CA ALA B 171 -43.87 8.78 34.60
C ALA B 171 -43.32 7.55 35.32
N LEU B 172 -42.52 6.73 34.66
CA LEU B 172 -41.92 5.54 35.27
C LEU B 172 -40.56 5.33 34.60
N THR B 173 -39.52 5.87 35.22
CA THR B 173 -38.17 5.85 34.68
C THR B 173 -37.15 5.43 35.73
N SER B 174 -37.46 4.34 36.44
CA SER B 174 -36.53 3.79 37.43
C SER B 174 -36.46 2.28 37.27
N GLY B 175 -35.24 1.76 37.23
CA GLY B 175 -35.01 0.34 37.08
C GLY B 175 -35.63 -0.25 35.83
N VAL B 176 -35.39 0.39 34.69
CA VAL B 176 -35.99 -0.03 33.43
C VAL B 176 -34.90 -0.63 32.55
N HIS B 177 -35.32 -1.47 31.61
CA HIS B 177 -34.37 -2.16 30.69
C HIS B 177 -34.92 -2.15 29.25
N THR B 178 -34.04 -1.91 28.27
CA THR B 178 -34.43 -1.90 26.83
C THR B 178 -33.47 -2.84 26.08
N PHE B 179 -33.93 -4.07 25.79
CA PHE B 179 -33.08 -5.09 25.10
C PHE B 179 -32.94 -4.76 23.61
N PRO B 180 -31.70 -4.76 23.06
CA PRO B 180 -31.46 -4.50 21.64
C PRO B 180 -32.29 -5.40 20.71
N ALA B 181 -32.73 -4.84 19.58
CA ALA B 181 -33.57 -5.53 18.62
C ALA B 181 -32.77 -6.60 17.90
N VAL B 182 -33.34 -7.79 17.80
CA VAL B 182 -32.69 -8.91 17.11
C VAL B 182 -33.43 -9.17 15.81
N LEU B 183 -32.69 -9.13 14.71
CA LEU B 183 -33.29 -9.33 13.39
C LEU B 183 -33.67 -10.80 13.23
N GLN B 184 -34.92 -11.13 13.50
CA GLN B 184 -35.34 -12.52 13.43
C GLN B 184 -35.33 -13.02 11.98
N SER B 185 -35.37 -14.35 11.85
CA SER B 185 -35.16 -14.98 10.55
C SER B 185 -36.20 -14.54 9.54
N SER B 186 -37.45 -14.33 9.99
CA SER B 186 -38.50 -13.92 9.08
C SER B 186 -38.20 -12.59 8.41
N GLY B 187 -37.38 -11.75 9.04
CA GLY B 187 -36.91 -10.51 8.45
C GLY B 187 -37.31 -9.27 9.23
N LEU B 188 -38.28 -9.40 10.13
CA LEU B 188 -38.72 -8.28 10.95
C LEU B 188 -37.85 -8.20 12.20
N TYR B 189 -38.27 -7.36 13.15
CA TYR B 189 -37.52 -7.24 14.39
C TYR B 189 -38.40 -7.47 15.60
N SER B 190 -37.86 -7.23 16.78
CA SER B 190 -38.59 -7.37 18.02
C SER B 190 -37.67 -6.93 19.15
N LEU B 191 -38.26 -6.58 20.28
CA LEU B 191 -37.54 -6.13 21.45
C LEU B 191 -38.53 -6.04 22.58
N SER B 192 -38.04 -5.57 23.74
CA SER B 192 -38.85 -5.40 24.98
C SER B 192 -38.44 -4.42 26.14
N SER B 193 -39.49 -3.89 26.76
CA SER B 193 -39.34 -2.93 27.90
C SER B 193 -39.71 -3.64 29.20
N VAL B 194 -38.78 -3.70 30.16
CA VAL B 194 -39.02 -4.43 31.40
C VAL B 194 -38.70 -3.50 32.57
N VAL B 195 -39.44 -3.69 33.67
CA VAL B 195 -39.18 -2.97 34.90
C VAL B 195 -39.83 -3.77 36.02
N THR B 196 -39.27 -3.67 37.23
CA THR B 196 -39.82 -4.35 38.39
C THR B 196 -40.26 -3.34 39.43
N VAL B 197 -41.23 -3.74 40.24
CA VAL B 197 -41.81 -2.94 41.31
C VAL B 197 -42.06 -3.85 42.49
N PRO B 198 -42.32 -3.31 43.68
CA PRO B 198 -42.87 -4.13 44.76
C PRO B 198 -44.22 -4.71 44.35
N SER B 199 -44.38 -6.02 44.56
CA SER B 199 -45.61 -6.68 44.13
C SER B 199 -46.82 -6.11 44.86
N SER B 200 -46.65 -5.70 46.11
CA SER B 200 -47.70 -4.99 46.81
C SER B 200 -48.01 -3.68 46.12
N SER B 201 -46.97 -2.96 45.69
CA SER B 201 -47.16 -1.72 44.93
C SER B 201 -47.82 -2.00 43.59
N LEU B 202 -47.56 -3.18 43.03
CA LEU B 202 -48.17 -3.54 41.75
C LEU B 202 -49.69 -3.51 41.84
N GLY B 203 -50.25 -4.14 42.88
CA GLY B 203 -51.68 -4.11 43.09
C GLY B 203 -52.26 -2.72 43.25
N THR B 204 -51.42 -1.69 43.32
CA THR B 204 -51.86 -0.32 43.48
C THR B 204 -51.61 0.52 42.23
N GLN B 205 -50.37 0.56 41.75
CA GLN B 205 -50.03 1.47 40.67
C GLN B 205 -50.57 0.96 39.34
N THR B 206 -50.90 1.91 38.47
CA THR B 206 -51.26 1.61 37.08
C THR B 206 -50.03 1.71 36.21
N TYR B 207 -49.91 0.81 35.25
CA TYR B 207 -48.72 0.71 34.41
C TYR B 207 -49.13 0.66 32.95
N ILE B 208 -48.63 1.61 32.16
CA ILE B 208 -48.93 1.67 30.74
C ILE B 208 -47.64 1.98 30.00
N CYS B 209 -47.22 1.07 29.13
CA CYS B 209 -46.07 1.37 28.31
C CYS B 209 -46.50 2.03 27.01
N ASN B 210 -45.53 2.65 26.34
CA ASN B 210 -45.79 3.68 25.35
C ASN B 210 -44.74 3.55 24.26
N VAL B 211 -45.15 3.14 23.08
CA VAL B 211 -44.22 2.80 22.00
C VAL B 211 -44.46 3.74 20.83
N ASN B 212 -43.39 4.13 20.13
CA ASN B 212 -43.55 5.05 18.97
C ASN B 212 -42.49 4.76 17.91
N HIS B 213 -42.92 4.49 16.68
CA HIS B 213 -42.00 4.22 15.54
C HIS B 213 -41.98 5.46 14.64
N LYS B 214 -40.82 6.12 14.53
CA LYS B 214 -40.67 7.35 13.71
C LYS B 214 -40.93 7.08 12.23
N PRO B 215 -40.39 5.98 11.63
CA PRO B 215 -40.59 5.71 10.21
C PRO B 215 -42.06 5.51 9.83
N SER B 216 -42.81 4.77 10.66
CA SER B 216 -44.25 4.52 10.38
C SER B 216 -45.11 5.59 11.04
N ASN B 217 -44.51 6.48 11.85
CA ASN B 217 -45.25 7.56 12.55
C ASN B 217 -46.40 6.93 13.35
N THR B 218 -46.13 5.87 14.11
CA THR B 218 -47.20 5.17 14.86
C THR B 218 -46.93 5.15 16.37
N LYS B 219 -47.85 5.75 17.13
CA LYS B 219 -47.87 5.76 18.59
C LYS B 219 -48.87 4.74 19.10
N VAL B 220 -48.45 3.93 20.05
CA VAL B 220 -49.33 2.96 20.69
C VAL B 220 -49.08 3.02 22.20
N ASP B 221 -50.13 2.75 22.96
CA ASP B 221 -50.02 2.68 24.41
C ASP B 221 -50.75 1.43 24.87
N LYS B 222 -50.34 0.91 26.03
CA LYS B 222 -50.93 -0.32 26.51
C LYS B 222 -50.80 -0.44 28.01
N LYS B 223 -51.91 -0.69 28.68
CA LYS B 223 -51.90 -0.99 30.11
C LYS B 223 -51.54 -2.46 30.32
N VAL B 224 -50.67 -2.72 31.29
CA VAL B 224 -50.24 -4.07 31.59
C VAL B 224 -50.78 -4.46 32.95
N GLU B 225 -51.18 -5.73 33.08
CA GLU B 225 -51.79 -6.21 34.31
C GLU B 225 -51.73 -7.73 34.37
N PRO B 226 -51.69 -8.31 35.57
CA PRO B 226 -51.67 -9.77 35.68
C PRO B 226 -52.95 -10.37 35.14
N LYS B 227 -52.81 -11.30 34.20
CA LYS B 227 -53.95 -12.02 33.67
C LYS B 227 -54.71 -12.71 34.78
N SER B 228 -56.03 -12.58 34.78
CA SER B 228 -56.87 -13.12 35.83
C SER B 228 -56.87 -14.65 35.76
N CYS B 229 -56.41 -15.30 36.83
CA CYS B 229 -56.43 -16.75 36.91
C CYS B 229 -57.44 -17.21 37.95
N ASP C 2 -2.49 -15.27 4.80
CA ASP C 2 -1.87 -14.14 4.12
C ASP C 2 -1.50 -13.05 5.10
N ILE C 3 -2.52 -12.40 5.64
CA ILE C 3 -2.34 -11.29 6.56
C ILE C 3 -3.55 -11.25 7.49
N GLN C 4 -3.27 -11.17 8.79
CA GLN C 4 -4.28 -10.99 9.81
C GLN C 4 -3.59 -10.83 11.15
N MET C 5 -4.35 -10.61 12.21
CA MET C 5 -3.77 -10.61 13.55
C MET C 5 -4.71 -11.29 14.50
N THR C 6 -4.15 -12.04 15.44
CA THR C 6 -4.92 -12.68 16.49
C THR C 6 -4.79 -11.83 17.75
N GLN C 7 -5.90 -11.20 18.14
CA GLN C 7 -5.92 -10.34 19.35
C GLN C 7 -6.34 -11.18 20.56
N SER C 8 -5.55 -11.14 21.64
CA SER C 8 -5.86 -11.93 22.86
C SER C 8 -5.80 -11.01 24.09
N PRO C 9 -6.59 -11.28 25.15
CA PRO C 9 -7.61 -12.32 25.13
C PRO C 9 -8.96 -11.75 24.65
N SER C 10 -9.96 -12.62 24.49
CA SER C 10 -11.31 -12.20 24.05
C SER C 10 -11.83 -11.09 24.97
N SER C 11 -11.80 -11.34 26.29
CA SER C 11 -12.28 -10.35 27.31
CA SER C 11 -12.28 -10.35 27.31
C SER C 11 -11.76 -10.32 28.77
N LEU C 12 -11.28 -9.12 29.12
CA LEU C 12 -10.73 -8.85 30.47
C LEU C 12 -11.73 -7.99 31.26
N SER C 13 -11.54 -7.89 32.58
CA SER C 13 -12.19 -7.03 33.54
CA SER C 13 -12.19 -7.03 33.54
C SER C 13 -11.18 -6.60 34.60
N ALA C 14 -11.20 -5.32 34.93
CA ALA C 14 -10.27 -4.79 35.91
C ALA C 14 -10.76 -3.45 36.43
N SER C 15 -10.76 -3.27 37.75
CA SER C 15 -11.23 -2.05 38.37
C SER C 15 -10.13 -1.01 38.37
N VAL C 16 -10.50 0.21 38.77
CA VAL C 16 -9.63 1.38 38.68
C VAL C 16 -8.29 1.14 39.38
N GLY C 17 -7.24 1.78 38.87
CA GLY C 17 -5.94 1.69 39.48
C GLY C 17 -5.13 0.50 38.99
N ASP C 18 -5.82 -0.54 38.55
CA ASP C 18 -5.15 -1.73 38.06
C ASP C 18 -4.34 -1.39 36.81
N ARG C 19 -3.41 -2.28 36.49
CA ARG C 19 -2.57 -2.19 35.30
C ARG C 19 -2.74 -3.46 34.48
N VAL C 20 -2.98 -3.31 33.18
CA VAL C 20 -3.34 -4.45 32.37
C VAL C 20 -2.67 -4.35 31.00
N THR C 21 -2.68 -5.48 30.28
CA THR C 21 -1.91 -5.62 29.06
C THR C 21 -2.69 -6.48 28.07
N ILE C 22 -2.72 -6.02 26.82
CA ILE C 22 -3.40 -6.72 25.68
C ILE C 22 -2.32 -7.13 24.67
N THR C 23 -2.45 -8.33 24.11
CA THR C 23 -1.48 -8.83 23.15
C THR C 23 -2.11 -9.00 21.78
N CYS C 24 -1.26 -9.02 20.76
CA CYS C 24 -1.70 -9.03 19.37
C CYS C 24 -0.64 -9.81 18.59
N ARG C 25 -0.90 -11.09 18.38
CA ARG C 25 0.04 -11.95 17.67
C ARG C 25 -0.13 -11.73 16.18
N ALA C 26 0.94 -11.32 15.51
CA ALA C 26 0.90 -11.04 14.09
C ALA C 26 0.86 -12.35 13.31
N SER C 27 0.92 -12.27 11.98
CA SER C 27 0.98 -13.45 11.14
C SER C 27 2.32 -13.58 10.43
N GLN C 28 2.73 -12.56 9.68
CA GLN C 28 4.07 -12.49 9.14
C GLN C 28 4.63 -11.12 9.47
N SER C 29 5.73 -11.09 10.23
CA SER C 29 6.29 -9.83 10.71
C SER C 29 7.13 -9.21 9.59
N VAL C 30 6.43 -8.64 8.62
CA VAL C 30 7.11 -8.02 7.49
C VAL C 30 6.85 -6.52 7.54
N SER C 31 6.13 -6.08 8.57
CA SER C 31 5.92 -4.65 8.74
C SER C 31 5.69 -4.36 10.20
N SER C 32 6.11 -3.17 10.62
CA SER C 32 6.04 -2.75 12.01
C SER C 32 5.08 -1.59 12.21
N ALA C 33 4.10 -1.43 11.32
CA ALA C 33 3.11 -0.36 11.44
C ALA C 33 1.81 -0.99 11.96
N VAL C 34 1.65 -0.98 13.27
CA VAL C 34 0.44 -1.48 13.92
C VAL C 34 -0.07 -0.42 14.87
N ALA C 35 -1.34 -0.08 14.73
CA ALA C 35 -1.98 0.95 15.53
C ALA C 35 -2.98 0.34 16.50
N TRP C 36 -3.17 1.01 17.62
CA TRP C 36 -4.11 0.62 18.65
C TRP C 36 -5.16 1.70 18.79
N TYR C 37 -6.42 1.31 18.57
CA TYR C 37 -7.58 2.19 18.55
C TYR C 37 -8.52 1.90 19.71
N GLN C 38 -9.26 2.92 20.11
CA GLN C 38 -10.30 2.80 21.11
C GLN C 38 -11.64 3.21 20.51
N GLN C 39 -12.67 2.43 20.81
CA GLN C 39 -14.03 2.75 20.37
C GLN C 39 -14.97 2.71 21.55
N LYS C 40 -15.67 3.81 21.78
CA LYS C 40 -16.82 3.80 22.67
C LYS C 40 -18.02 3.30 21.87
N PRO C 41 -19.08 2.87 22.53
CA PRO C 41 -20.25 2.38 21.77
C PRO C 41 -20.94 3.55 21.07
N GLY C 42 -21.29 3.33 19.81
CA GLY C 42 -21.94 4.36 19.02
C GLY C 42 -20.98 5.20 18.22
N LYS C 43 -19.92 5.70 18.84
CA LYS C 43 -19.01 6.60 18.15
C LYS C 43 -18.14 5.84 17.16
N ALA C 44 -17.20 6.55 16.56
CA ALA C 44 -16.19 6.03 15.66
C ALA C 44 -14.85 5.93 16.38
N PRO C 45 -14.10 4.87 16.14
CA PRO C 45 -12.84 4.67 16.88
C PRO C 45 -11.92 5.86 16.81
N LYS C 46 -11.01 5.95 17.78
CA LYS C 46 -10.10 7.07 17.91
C LYS C 46 -8.69 6.52 18.04
N LEU C 47 -7.77 7.08 17.27
CA LEU C 47 -6.40 6.58 17.27
C LEU C 47 -5.75 6.80 18.62
N LEU C 48 -5.04 5.78 19.11
CA LEU C 48 -4.25 5.90 20.32
C LEU C 48 -2.76 5.74 20.04
N ILE C 49 -2.34 4.64 19.43
CA ILE C 49 -0.92 4.39 19.21
C ILE C 49 -0.70 4.04 17.75
N TYR C 50 0.37 4.60 17.17
CA TYR C 50 0.74 4.29 15.80
C TYR C 50 2.23 4.00 15.74
N SER C 51 2.63 3.37 14.63
CA SER C 51 4.02 2.95 14.41
C SER C 51 4.52 2.05 15.52
N ALA C 52 3.61 1.45 16.27
CA ALA C 52 3.81 0.40 17.26
C ALA C 52 4.41 0.91 18.56
N SER C 53 4.95 2.12 18.62
CA SER C 53 5.41 2.63 19.90
C SER C 53 5.11 4.08 20.16
N SER C 54 4.72 4.86 19.16
CA SER C 54 4.56 6.30 19.30
C SER C 54 3.19 6.59 19.88
N LEU C 55 3.17 7.20 21.07
CA LEU C 55 1.91 7.68 21.61
C LEU C 55 1.40 8.85 20.79
N TYR C 56 0.12 8.83 20.46
CA TYR C 56 -0.47 9.92 19.71
C TYR C 56 -0.48 11.19 20.56
N SER C 57 -0.48 12.33 19.87
CA SER C 57 -0.49 13.64 20.54
C SER C 57 -1.93 13.99 20.87
N GLY C 58 -2.28 13.92 22.15
CA GLY C 58 -3.64 14.17 22.56
C GLY C 58 -4.24 13.03 23.36
N VAL C 59 -3.38 12.22 23.97
CA VAL C 59 -3.82 11.06 24.74
C VAL C 59 -2.99 10.96 26.02
N PRO C 60 -3.62 10.73 27.17
CA PRO C 60 -2.84 10.59 28.42
C PRO C 60 -1.80 9.49 28.31
N SER C 61 -0.68 9.69 29.00
CA SER C 61 0.49 8.85 28.83
C SER C 61 0.46 7.58 29.65
N ARG C 62 -0.68 7.20 30.21
CA ARG C 62 -0.73 5.90 30.89
C ARG C 62 -0.65 4.74 29.91
N PHE C 63 -0.77 5.01 28.61
CA PHE C 63 -0.67 3.98 27.59
C PHE C 63 0.76 3.80 27.13
N SER C 64 1.12 2.57 26.81
CA SER C 64 2.48 2.29 26.36
C SER C 64 2.46 1.04 25.49
N GLY C 65 2.94 1.16 24.26
CA GLY C 65 3.00 0.03 23.35
C GLY C 65 4.40 -0.54 23.27
N SER C 66 4.49 -1.66 22.56
CA SER C 66 5.77 -2.32 22.31
CA SER C 66 5.77 -2.32 22.31
C SER C 66 5.58 -3.39 21.24
N ARG C 67 6.69 -3.77 20.63
CA ARG C 67 6.73 -4.84 19.66
C ARG C 67 7.65 -5.93 20.17
N SER C 68 7.21 -7.18 20.06
CA SER C 68 8.03 -8.32 20.46
C SER C 68 8.05 -9.31 19.30
N GLY C 69 8.88 -9.02 18.30
CA GLY C 69 9.14 -9.95 17.23
C GLY C 69 7.96 -10.12 16.30
N THR C 70 6.90 -10.76 16.80
CA THR C 70 5.66 -10.90 16.05
C THR C 70 4.44 -10.82 16.97
N ASP C 71 4.60 -10.27 18.17
CA ASP C 71 3.66 -10.43 19.27
C ASP C 71 3.36 -9.08 19.92
N PHE C 72 2.94 -8.11 19.13
CA PHE C 72 2.80 -6.73 19.59
C PHE C 72 1.99 -6.65 20.88
N THR C 73 2.24 -5.60 21.66
CA THR C 73 1.77 -5.57 23.03
C THR C 73 1.40 -4.14 23.43
N LEU C 74 0.31 -4.00 24.17
CA LEU C 74 -0.14 -2.71 24.66
C LEU C 74 -0.41 -2.81 26.16
N THR C 75 -0.06 -1.76 26.90
CA THR C 75 -0.16 -1.77 28.34
C THR C 75 -0.78 -0.47 28.82
N ILE C 76 -1.66 -0.58 29.81
CA ILE C 76 -2.25 0.57 30.49
C ILE C 76 -1.90 0.47 31.95
N SER C 77 -1.27 1.53 32.48
CA SER C 77 -0.69 1.49 33.82
C SER C 77 -1.73 1.78 34.90
N SER C 78 -2.29 2.98 34.89
CA SER C 78 -3.24 3.40 35.91
C SER C 78 -4.61 3.51 35.26
N LEU C 79 -5.32 2.39 35.23
CA LEU C 79 -6.61 2.33 34.54
C LEU C 79 -7.63 3.22 35.25
N GLN C 80 -8.06 4.28 34.58
CA GLN C 80 -9.07 5.19 35.13
C GLN C 80 -10.46 4.71 34.77
N PRO C 81 -11.46 5.14 35.52
CA PRO C 81 -12.83 4.67 35.22
C PRO C 81 -13.35 5.18 33.88
N GLU C 82 -12.82 6.28 33.38
CA GLU C 82 -13.27 6.80 32.09
C GLU C 82 -12.38 6.29 30.95
N ASP C 83 -12.10 4.99 30.96
CA ASP C 83 -11.24 4.38 29.95
C ASP C 83 -11.76 3.02 29.55
N PHE C 84 -13.06 2.79 29.68
CA PHE C 84 -13.67 1.50 29.38
C PHE C 84 -14.30 1.57 28.00
N ALA C 85 -13.74 0.82 27.06
CA ALA C 85 -14.19 0.83 25.68
C ALA C 85 -13.65 -0.43 25.01
N THR C 86 -13.75 -0.51 23.70
CA THR C 86 -13.25 -1.66 22.97
C THR C 86 -12.00 -1.28 22.20
N TYR C 87 -10.96 -2.10 22.31
CA TYR C 87 -9.63 -1.75 21.81
C TYR C 87 -9.25 -2.65 20.65
N TYR C 88 -8.70 -2.06 19.59
CA TYR C 88 -8.49 -2.74 18.32
C TYR C 88 -7.04 -2.61 17.89
N CYS C 89 -6.42 -3.75 17.61
CA CYS C 89 -5.11 -3.83 16.97
C CYS C 89 -5.32 -3.79 15.46
N GLN C 90 -4.49 -3.04 14.75
CA GLN C 90 -4.69 -2.83 13.32
C GLN C 90 -3.35 -2.78 12.61
N GLN C 91 -3.13 -3.69 11.65
CA GLN C 91 -1.87 -3.75 10.94
C GLN C 91 -2.06 -3.37 9.48
N SER C 92 -1.06 -2.70 8.93
CA SER C 92 -1.03 -2.33 7.52
C SER C 92 0.38 -2.55 7.01
N TYR C 93 0.52 -3.32 5.94
CA TYR C 93 1.84 -3.75 5.51
C TYR C 93 2.59 -2.64 4.80
N TRP C 94 2.08 -2.20 3.66
CA TRP C 94 2.64 -1.08 2.94
C TRP C 94 1.56 -0.53 2.02
N VAL C 95 1.97 0.36 1.11
CA VAL C 95 1.05 1.32 0.52
C VAL C 95 -0.13 0.62 -0.16
N GLY C 96 0.15 -0.18 -1.18
CA GLY C 96 -0.95 -0.76 -1.94
C GLY C 96 -1.43 -2.10 -1.44
N TYR C 97 -1.10 -2.46 -0.20
CA TYR C 97 -1.41 -3.77 0.33
C TYR C 97 -2.56 -3.67 1.32
N PRO C 98 -3.56 -4.55 1.22
CA PRO C 98 -4.71 -4.48 2.13
C PRO C 98 -4.29 -4.59 3.58
N ILE C 99 -5.09 -3.95 4.45
CA ILE C 99 -4.79 -3.90 5.87
C ILE C 99 -5.71 -4.85 6.60
N THR C 100 -5.51 -5.03 7.90
CA THR C 100 -6.44 -5.88 8.62
C THR C 100 -6.50 -5.49 10.08
N PHE C 101 -7.68 -5.66 10.66
CA PHE C 101 -7.96 -5.25 12.03
C PHE C 101 -7.94 -6.45 12.96
N GLY C 102 -7.97 -6.15 14.25
CA GLY C 102 -8.13 -7.17 15.26
C GLY C 102 -9.56 -7.68 15.31
N GLN C 103 -9.80 -8.55 16.28
CA GLN C 103 -11.12 -9.14 16.43
C GLN C 103 -11.95 -8.49 17.53
N GLY C 104 -11.33 -7.59 18.30
CA GLY C 104 -12.06 -6.87 19.36
C GLY C 104 -11.67 -7.30 20.76
N THR C 105 -11.41 -6.33 21.63
CA THR C 105 -11.06 -6.56 23.07
C THR C 105 -11.90 -5.56 23.89
N LYS C 106 -12.70 -6.07 24.83
CA LYS C 106 -13.56 -5.18 25.61
C LYS C 106 -13.14 -5.21 27.07
N VAL C 107 -12.54 -4.13 27.53
CA VAL C 107 -12.37 -3.97 28.96
C VAL C 107 -13.74 -3.73 29.58
N GLU C 108 -13.84 -4.04 30.87
CA GLU C 108 -15.06 -3.77 31.61
C GLU C 108 -14.73 -3.84 33.10
N ILE C 109 -15.70 -3.46 33.92
CA ILE C 109 -15.44 -3.38 35.35
C ILE C 109 -15.46 -4.77 35.97
N LYS C 110 -14.56 -4.98 36.93
CA LYS C 110 -14.56 -6.17 37.75
C LYS C 110 -15.22 -5.87 39.09
N ARG C 111 -16.05 -6.80 39.55
CA ARG C 111 -16.82 -6.60 40.77
C ARG C 111 -17.21 -7.97 41.32
N THR C 112 -18.03 -7.95 42.36
CA THR C 112 -18.48 -9.18 43.00
C THR C 112 -19.50 -9.89 42.13
N VAL C 113 -19.70 -11.17 42.40
CA VAL C 113 -20.70 -11.95 41.70
C VAL C 113 -22.08 -11.47 42.15
N ALA C 114 -23.12 -11.89 41.44
CA ALA C 114 -24.48 -11.56 41.83
C ALA C 114 -25.40 -12.67 41.37
N ALA C 115 -26.63 -12.61 41.83
CA ALA C 115 -27.44 -13.73 41.36
C ALA C 115 -28.42 -13.26 40.30
N PRO C 116 -28.59 -14.03 39.23
CA PRO C 116 -29.52 -13.66 38.17
C PRO C 116 -30.95 -13.95 38.56
N SER C 117 -31.71 -12.91 38.87
CA SER C 117 -33.12 -13.07 39.16
CA SER C 117 -33.11 -13.08 39.17
C SER C 117 -33.84 -13.51 37.89
N VAL C 118 -34.53 -14.64 37.97
CA VAL C 118 -35.14 -15.24 36.79
C VAL C 118 -36.65 -15.08 36.87
N PHE C 119 -37.26 -14.91 35.70
CA PHE C 119 -38.70 -14.85 35.56
C PHE C 119 -39.04 -15.50 34.22
N ILE C 120 -40.34 -15.72 33.99
CA ILE C 120 -40.77 -16.36 32.75
C ILE C 120 -42.18 -15.91 32.44
N PHE C 121 -42.48 -15.76 31.15
CA PHE C 121 -43.73 -15.24 30.68
C PHE C 121 -44.20 -16.10 29.52
N PRO C 122 -45.42 -16.61 29.58
CA PRO C 122 -45.98 -17.36 28.47
C PRO C 122 -46.61 -16.42 27.46
N PRO C 123 -47.00 -16.92 26.29
CA PRO C 123 -47.74 -16.08 25.35
C PRO C 123 -49.10 -15.67 25.91
N SER C 124 -49.58 -14.53 25.45
CA SER C 124 -50.87 -13.99 25.90
C SER C 124 -51.91 -14.13 24.80
N ASP C 125 -53.18 -14.07 25.21
CA ASP C 125 -54.30 -14.26 24.29
C ASP C 125 -54.22 -13.29 23.12
N SER C 126 -53.72 -12.07 23.36
CA SER C 126 -53.50 -11.14 22.26
C SER C 126 -52.61 -11.74 21.19
N GLN C 127 -51.48 -12.32 21.61
CA GLN C 127 -50.61 -12.99 20.65
C GLN C 127 -51.26 -14.26 20.14
N LEU C 128 -52.10 -14.90 20.97
CA LEU C 128 -52.84 -16.06 20.52
C LEU C 128 -53.86 -15.71 19.45
N LYS C 129 -54.02 -14.42 19.16
CA LYS C 129 -54.76 -14.00 17.97
C LYS C 129 -53.83 -13.70 16.81
N SER C 130 -52.55 -13.44 17.08
CA SER C 130 -51.62 -13.03 16.04
C SER C 130 -51.38 -14.14 15.02
N GLY C 131 -51.07 -15.33 15.50
CA GLY C 131 -50.79 -16.45 14.60
C GLY C 131 -49.69 -17.35 15.11
N THR C 132 -49.00 -16.91 16.15
CA THR C 132 -47.90 -17.68 16.72
C THR C 132 -47.77 -17.36 18.20
N ALA C 133 -47.15 -18.28 18.94
CA ALA C 133 -46.82 -18.05 20.32
C ALA C 133 -45.33 -17.78 20.44
N SER C 134 -44.96 -17.05 21.50
CA SER C 134 -43.56 -16.72 21.72
C SER C 134 -43.34 -16.59 23.23
N VAL C 135 -42.84 -17.66 23.83
CA VAL C 135 -42.56 -17.62 25.26
C VAL C 135 -41.26 -16.85 25.48
N VAL C 136 -41.10 -16.31 26.69
CA VAL C 136 -39.87 -15.60 27.03
C VAL C 136 -39.53 -15.91 28.48
N CYS C 137 -38.23 -15.89 28.79
CA CYS C 137 -37.86 -15.83 30.19
C CYS C 137 -36.67 -14.89 30.34
N LEU C 138 -36.65 -14.22 31.47
CA LEU C 138 -35.72 -13.13 31.76
C LEU C 138 -34.78 -13.52 32.88
N LEU C 139 -33.57 -12.99 32.80
CA LEU C 139 -32.60 -13.00 33.89
C LEU C 139 -32.21 -11.55 34.15
N ASN C 140 -31.90 -11.25 35.40
CA ASN C 140 -31.65 -9.86 35.75
C ASN C 140 -30.55 -9.74 36.79
N ASN C 141 -29.81 -8.63 36.68
CA ASN C 141 -28.89 -8.16 37.70
C ASN C 141 -27.97 -9.25 38.22
N PHE C 142 -27.11 -9.78 37.35
CA PHE C 142 -26.18 -10.82 37.73
C PHE C 142 -24.76 -10.40 37.41
N TYR C 143 -23.84 -11.26 37.79
CA TYR C 143 -22.42 -11.13 37.50
C TYR C 143 -21.75 -12.44 37.90
N PRO C 144 -20.80 -12.94 37.10
CA PRO C 144 -20.27 -12.33 35.88
C PRO C 144 -21.23 -12.47 34.70
N ARG C 145 -20.95 -11.70 33.65
CA ARG C 145 -21.80 -11.66 32.47
C ARG C 145 -21.95 -13.01 31.79
N GLU C 146 -21.15 -14.01 32.14
CA GLU C 146 -21.20 -15.29 31.46
C GLU C 146 -22.27 -16.17 32.09
N ALA C 147 -23.30 -16.49 31.32
CA ALA C 147 -24.38 -17.35 31.77
C ALA C 147 -25.04 -17.96 30.54
N LYS C 148 -25.95 -18.90 30.78
CA LYS C 148 -26.61 -19.57 29.68
C LYS C 148 -27.89 -20.18 30.19
N VAL C 149 -28.81 -20.47 29.27
CA VAL C 149 -30.13 -21.00 29.58
C VAL C 149 -30.47 -22.04 28.53
N GLN C 150 -31.34 -22.96 28.89
CA GLN C 150 -31.82 -23.98 27.96
C GLN C 150 -33.32 -24.13 28.09
N TRP C 151 -34.02 -24.10 26.97
CA TRP C 151 -35.44 -24.38 26.97
C TRP C 151 -35.68 -25.87 27.15
N LYS C 152 -36.73 -26.19 27.89
CA LYS C 152 -37.12 -27.58 28.10
C LYS C 152 -38.64 -27.62 28.12
N VAL C 153 -39.23 -28.16 27.06
CA VAL C 153 -40.67 -28.10 26.84
C VAL C 153 -41.23 -29.51 26.85
N ASP C 154 -42.19 -29.76 27.74
CA ASP C 154 -42.78 -31.08 27.94
C ASP C 154 -41.69 -32.12 28.11
N ASN C 155 -40.71 -31.82 28.95
CA ASN C 155 -39.57 -32.71 29.19
C ASN C 155 -38.84 -33.04 27.89
N ALA C 156 -38.24 -32.01 27.30
CA ALA C 156 -37.36 -32.16 26.16
C ALA C 156 -36.22 -31.15 26.30
N LEU C 157 -35.42 -31.01 25.24
CA LEU C 157 -34.33 -30.04 25.20
C LEU C 157 -34.33 -29.41 23.81
N GLN C 158 -35.07 -28.32 23.67
CA GLN C 158 -35.23 -27.69 22.37
C GLN C 158 -33.97 -26.94 21.98
N SER C 159 -33.89 -26.60 20.69
CA SER C 159 -32.73 -25.87 20.18
CA SER C 159 -32.73 -25.87 20.18
C SER C 159 -33.08 -25.32 18.80
N GLY C 160 -32.32 -24.31 18.38
CA GLY C 160 -32.46 -23.71 17.07
C GLY C 160 -33.52 -22.63 16.96
N ASN C 161 -34.62 -22.75 17.71
CA ASN C 161 -35.73 -21.82 17.60
C ASN C 161 -35.79 -20.83 18.76
N SER C 162 -34.66 -20.57 19.41
CA SER C 162 -34.59 -19.67 20.55
C SER C 162 -33.61 -18.56 20.28
N GLN C 163 -33.94 -17.35 20.75
CA GLN C 163 -33.09 -16.19 20.57
C GLN C 163 -32.82 -15.53 21.91
N GLU C 164 -31.58 -15.10 22.11
CA GLU C 164 -31.16 -14.48 23.35
C GLU C 164 -30.65 -13.08 23.09
N SER C 165 -30.73 -12.24 24.11
CA SER C 165 -30.26 -10.87 24.01
C SER C 165 -29.82 -10.39 25.38
N VAL C 166 -28.78 -9.56 25.38
CA VAL C 166 -28.22 -8.96 26.58
C VAL C 166 -28.23 -7.45 26.38
N THR C 167 -28.19 -6.67 27.46
CA THR C 167 -27.91 -5.22 27.33
C THR C 167 -26.46 -5.00 27.78
N GLU C 168 -25.93 -3.79 27.59
CA GLU C 168 -24.63 -3.39 28.07
C GLU C 168 -24.64 -3.26 29.59
N GLN C 169 -23.46 -3.40 30.19
CA GLN C 169 -23.34 -3.26 31.63
C GLN C 169 -23.87 -1.91 32.08
N ASP C 170 -24.70 -1.93 33.11
CA ASP C 170 -25.31 -0.72 33.65
C ASP C 170 -24.27 0.26 34.14
N SER C 171 -24.66 1.52 34.33
CA SER C 171 -23.72 2.53 34.79
C SER C 171 -23.62 2.55 36.31
N LYS C 172 -24.77 2.52 37.01
CA LYS C 172 -24.76 2.73 38.45
C LYS C 172 -24.33 1.47 39.20
N ASP C 173 -25.11 0.41 39.09
CA ASP C 173 -24.77 -0.84 39.76
C ASP C 173 -23.90 -1.76 38.93
N SER C 174 -23.82 -1.50 37.62
CA SER C 174 -22.90 -2.20 36.72
C SER C 174 -23.10 -3.72 36.71
N THR C 175 -24.29 -4.18 36.34
CA THR C 175 -24.51 -5.60 36.09
C THR C 175 -25.33 -5.74 34.82
N TYR C 176 -25.67 -6.97 34.47
CA TYR C 176 -26.32 -7.28 33.21
C TYR C 176 -27.69 -7.90 33.43
N SER C 177 -28.50 -7.80 32.40
CA SER C 177 -29.76 -8.52 32.31
C SER C 177 -29.70 -9.40 31.08
N LEU C 178 -30.79 -10.09 30.80
CA LEU C 178 -30.81 -10.97 29.64
C LEU C 178 -32.24 -11.43 29.41
N SER C 179 -32.57 -11.64 28.15
CA SER C 179 -33.83 -12.25 27.79
C SER C 179 -33.58 -13.38 26.82
N SER C 180 -34.39 -14.42 26.91
CA SER C 180 -34.38 -15.49 25.94
C SER C 180 -35.81 -15.79 25.56
N THR C 181 -36.14 -15.60 24.30
CA THR C 181 -37.46 -15.92 23.79
C THR C 181 -37.37 -17.15 22.90
N LEU C 182 -38.53 -17.76 22.69
CA LEU C 182 -38.65 -19.00 21.94
C LEU C 182 -39.98 -18.96 21.20
N THR C 183 -39.92 -19.07 19.88
CA THR C 183 -41.09 -18.89 19.02
C THR C 183 -41.61 -20.24 18.56
N LEU C 184 -42.94 -20.38 18.57
CA LEU C 184 -43.61 -21.58 18.12
C LEU C 184 -44.86 -21.17 17.37
N SER C 185 -45.35 -22.07 16.52
CA SER C 185 -46.67 -21.83 15.95
C SER C 185 -47.72 -21.98 17.03
N LYS C 186 -48.88 -21.40 16.80
CA LYS C 186 -49.97 -21.48 17.77
C LYS C 186 -50.28 -22.93 18.11
N ALA C 187 -50.56 -23.74 17.08
CA ALA C 187 -50.81 -25.15 17.30
C ALA C 187 -49.58 -25.85 17.83
N ASP C 188 -48.39 -25.38 17.47
CA ASP C 188 -47.16 -25.96 17.99
C ASP C 188 -47.12 -25.81 19.50
N TYR C 189 -47.31 -24.58 19.98
CA TYR C 189 -47.33 -24.36 21.42
C TYR C 189 -48.44 -25.14 22.08
N GLU C 190 -49.60 -25.23 21.43
CA GLU C 190 -50.71 -25.98 22.01
C GLU C 190 -50.42 -27.47 22.07
N LYS C 191 -49.56 -27.97 21.19
CA LYS C 191 -49.19 -29.37 21.21
C LYS C 191 -48.52 -29.78 22.52
N HIS C 192 -47.80 -28.88 23.15
CA HIS C 192 -47.12 -29.15 24.40
C HIS C 192 -47.87 -28.53 25.57
N LYS C 193 -47.61 -29.07 26.76
CA LYS C 193 -48.31 -28.66 27.97
C LYS C 193 -47.40 -27.98 28.97
N VAL C 194 -46.25 -28.57 29.27
CA VAL C 194 -45.34 -28.01 30.26
C VAL C 194 -44.20 -27.32 29.53
N TYR C 195 -43.68 -26.25 30.14
CA TYR C 195 -42.64 -25.44 29.54
C TYR C 195 -41.70 -25.00 30.65
N ALA C 196 -40.43 -24.85 30.31
CA ALA C 196 -39.46 -24.47 31.33
C ALA C 196 -38.24 -23.89 30.65
N CYS C 197 -37.49 -23.09 31.40
CA CYS C 197 -36.13 -22.76 31.01
C CYS C 197 -35.22 -22.91 32.22
N GLU C 198 -34.04 -23.46 31.95
CA GLU C 198 -33.06 -23.82 32.96
C GLU C 198 -31.87 -22.88 32.84
N VAL C 199 -31.56 -22.19 33.94
CA VAL C 199 -30.49 -21.21 33.99
C VAL C 199 -29.26 -21.83 34.64
N THR C 200 -28.11 -21.64 34.00
CA THR C 200 -26.82 -21.95 34.58
C THR C 200 -25.96 -20.70 34.51
N HIS C 201 -25.20 -20.45 35.57
CA HIS C 201 -24.41 -19.22 35.68
C HIS C 201 -23.32 -19.45 36.72
N GLN C 202 -22.17 -18.81 36.50
CA GLN C 202 -21.09 -18.85 37.48
C GLN C 202 -21.58 -18.43 38.86
N GLY C 203 -22.16 -17.24 38.94
CA GLY C 203 -22.71 -16.75 40.19
C GLY C 203 -23.80 -17.64 40.72
N LEU C 204 -24.38 -18.47 39.86
CA LEU C 204 -25.40 -19.42 40.28
C LEU C 204 -24.73 -20.69 40.80
N SER C 205 -24.88 -20.93 42.10
CA SER C 205 -24.28 -22.12 42.72
C SER C 205 -24.90 -23.39 42.16
N SER C 206 -26.23 -23.44 42.10
CA SER C 206 -26.94 -24.59 41.55
CA SER C 206 -26.94 -24.59 41.55
C SER C 206 -27.84 -24.11 40.42
N PRO C 207 -27.59 -24.53 39.19
CA PRO C 207 -28.43 -24.13 38.05
C PRO C 207 -29.91 -24.35 38.32
N VAL C 208 -30.70 -23.28 38.22
CA VAL C 208 -32.09 -23.30 38.65
C VAL C 208 -32.97 -23.57 37.43
N THR C 209 -34.21 -24.02 37.66
CA THR C 209 -35.18 -24.12 36.58
C THR C 209 -36.39 -23.28 36.93
N LYS C 210 -37.08 -22.78 35.92
CA LYS C 210 -38.37 -22.16 36.12
C LYS C 210 -39.32 -22.61 35.02
N SER C 211 -40.52 -23.01 35.43
CA SER C 211 -41.40 -23.76 34.55
C SER C 211 -42.84 -23.34 34.79
N PHE C 212 -43.73 -23.91 33.99
CA PHE C 212 -45.17 -23.76 34.13
C PHE C 212 -45.87 -24.71 33.17
N ASN C 213 -46.96 -25.31 33.60
CA ASN C 213 -47.82 -26.00 32.67
C ASN C 213 -48.67 -24.97 31.93
N ARG C 214 -49.21 -25.37 30.78
CA ARG C 214 -49.99 -24.45 29.99
C ARG C 214 -51.26 -24.05 30.72
N GLY C 215 -51.28 -22.83 31.25
CA GLY C 215 -52.41 -22.35 32.02
C GLY C 215 -52.28 -22.58 33.51
C01 LMH D . 21.08 17.74 -5.89
C02 LMH D . 21.54 17.93 -4.43
C03 LMH D . 22.74 18.87 -4.12
C04 LMH D . 20.91 17.30 -3.43
C05 LMH D . 19.75 16.42 -3.99
C06 LMH D . 19.09 15.64 -2.81
C07 LMH D . 18.10 14.58 -3.39
C08 LMH D . 17.82 14.56 -4.90
C09 LMH D . 17.52 13.69 -2.58
C10 LMH D . 16.53 12.63 -3.17
C11 LMH D . 16.12 11.62 -2.05
C12 LMH D . 14.64 11.92 -1.63
C13 LMH D . 14.07 13.34 -1.76
C14 LMH D . 13.86 10.93 -1.14
C15 LMH D . 14.44 9.48 -1.00
C16 LMH D . 13.52 8.49 -1.78
C17 LMH D . 12.79 7.56 -0.77
C18 LMH D . 12.56 8.02 0.68
C19 LMH D . 12.34 6.36 -1.17
C20 LMH D . 12.68 6.11 -2.67
C21 LMH D . 12.03 4.77 -3.14
C22 LMH D . 12.47 4.39 -4.57
C23 LMH D . 12.60 2.87 -4.67
C24 LMH D . 13.81 5.05 -4.87
C25 LMH D . 13.68 6.20 -5.89
C31 LMH D . 14.21 3.70 -9.77
C33 LMH D . 12.79 1.69 -9.73
C34 LMH D . 12.28 0.59 -8.84
C36 LMH D . 13.66 1.07 -10.84
C38 LMH D . 14.29 2.12 -11.69
C40 LMH D . 15.07 3.08 -10.88
O26 LMH D . 13.37 5.65 -7.15
O28 LMH D . 15.56 6.80 -7.94
O29 LMH D . 13.67 6.64 -9.54
O30 LMH D . 15.00 4.47 -8.98
O32 LMH D . 13.54 2.66 -8.93
O35 LMH D . 11.87 -0.49 -9.65
O37 LMH D . 12.84 0.23 -11.67
O39 LMH D . 15.19 1.47 -12.65
O41 LMH D . 15.56 4.14 -11.74
P27 LMH D . 14.41 5.92 -8.41
#